data_1DIQ
#
_entry.id   1DIQ
#
_cell.length_a   139.1
_cell.length_b   130.5
_cell.length_c   74.4
_cell.angle_alpha   90.00
_cell.angle_beta   90.00
_cell.angle_gamma   90.00
#
_symmetry.space_group_name_H-M   'P 21 21 21'
#
loop_
_entity.id
_entity.type
_entity.pdbx_description
1 polymer 'P-CRESOL METHYLHYDROXYLASE'
2 polymer 'P-CRESOL METHYLHYDROXYLASE'
3 non-polymer 'CHLORIDE ION'
4 non-polymer 'FLAVIN-ADENINE DINUCLEOTIDE'
5 non-polymer P-CRESOL
6 non-polymer 'HEME C'
7 water water
#
loop_
_entity_poly.entity_id
_entity_poly.type
_entity_poly.pdbx_seq_one_letter_code
_entity_poly.pdbx_strand_id
1 'polypeptide(L)'
;MSEQNNAVLPKGVTQGEFNKAVQKFRALLGDDNVLVESDQLVPYNKIMMPVENAAHAPSAAVTATTVEQVQGVVKICNEH
KIPIWTISTGRNFGYGSAAPVQRGQVILDLKKMNKIIKIDPEMCYALVEPGVTFGQMYDYIQENNLPVMLSFSAPSAIAG
PVGNTMDRGVGYTPYGEHFMMQCGMEVVLANGDVYRTGMGGVPGSNTWQIFKWGYGPTLDGMFTQANYGICTKMGFWLMP
KPPVFKPFEVIFEDEADIVEIVDALRPLRMSNTIPNSVVIASTLWEAGSAHLTRAQYTTEPGHTPDSVIKQMQKDTGMGA
WNLYAALYGTQEQVDVNWKIVTDVFKKLGKGRIVTQEEAGDTQPFKYRAQLMSGVPNLQEFGLYNWRGGGGSMWFAPVSE
ARGSECKKQAAMAKRVLHKYGLDYVAEFIVAPRDMHHVIDVLYDRTNPEETKRADACFNELLDEFEKEGYAVYRVNTRFQ
DRVAQSYGPVKRKLEHAIKRAVDPNNILAPGRSGIDLNNDF
;
A,B
2 'polypeptide(L)' DSQWGSGKNLYDKVCGHCHKPEVGVGPVLEGRGLPEAYIKDIVRNGFRAMPAFPASYVDDESLTQVAEYLSSLPAPAAQP C,D
#
loop_
_chem_comp.id
_chem_comp.type
_chem_comp.name
_chem_comp.formula
CL non-polymer 'CHLORIDE ION' 'Cl -1'
FAD non-polymer 'FLAVIN-ADENINE DINUCLEOTIDE' 'C27 H33 N9 O15 P2'
HEC non-polymer 'HEME C' 'C34 H34 Fe N4 O4'
PCR non-polymer P-CRESOL 'C7 H8 O'
#
# COMPACT_ATOMS: atom_id res chain seq x y z
N ALA A 7 28.25 23.81 24.19
CA ALA A 7 27.99 25.12 23.50
C ALA A 7 26.59 25.12 22.87
N VAL A 8 26.34 24.11 22.03
CA VAL A 8 25.07 23.93 21.31
C VAL A 8 24.05 23.17 22.19
N LEU A 9 22.93 23.85 22.44
CA LEU A 9 21.83 23.34 23.27
C LEU A 9 20.53 23.25 22.45
N PRO A 10 19.55 22.39 22.89
CA PRO A 10 18.27 22.27 22.17
C PRO A 10 17.45 23.55 22.28
N LYS A 11 16.67 23.86 21.25
CA LYS A 11 15.81 25.04 21.22
C LYS A 11 14.81 25.04 22.39
N GLY A 12 14.92 26.05 23.25
CA GLY A 12 14.04 26.19 24.41
C GLY A 12 14.49 25.51 25.69
N VAL A 13 15.52 24.65 25.59
CA VAL A 13 16.05 23.93 26.74
C VAL A 13 17.31 24.63 27.28
N THR A 14 17.32 24.81 28.61
CA THR A 14 18.42 25.47 29.33
C THR A 14 19.55 24.48 29.65
N GLN A 15 20.76 25.01 29.85
CA GLN A 15 21.95 24.20 30.16
C GLN A 15 21.76 23.25 31.35
N GLY A 16 20.92 23.67 32.31
CA GLY A 16 20.64 22.89 33.50
C GLY A 16 19.78 21.66 33.27
N GLU A 17 18.67 21.86 32.55
CA GLU A 17 17.71 20.79 32.20
C GLU A 17 18.35 19.76 31.26
N PHE A 18 19.24 20.25 30.39
CA PHE A 18 19.96 19.42 29.45
C PHE A 18 20.96 18.53 30.19
N ASN A 19 21.56 19.07 31.25
CA ASN A 19 22.54 18.33 32.06
C ASN A 19 21.94 17.20 32.86
N LYS A 20 20.70 17.40 33.33
CA LYS A 20 19.97 16.38 34.10
C LYS A 20 19.60 15.26 33.14
N ALA A 21 19.27 15.64 31.90
CA ALA A 21 18.91 14.70 30.82
C ALA A 21 20.07 13.81 30.42
N VAL A 22 21.25 14.43 30.23
CA VAL A 22 22.48 13.72 29.87
C VAL A 22 22.90 12.79 31.01
N GLN A 23 22.61 13.20 32.24
CA GLN A 23 22.95 12.40 33.43
C GLN A 23 22.09 11.15 33.48
N LYS A 24 20.81 11.31 33.12
CA LYS A 24 19.86 10.20 33.06
C LYS A 24 20.12 9.28 31.88
N PHE A 25 20.59 9.86 30.75
CA PHE A 25 20.95 9.09 29.54
C PHE A 25 22.08 8.14 29.90
N ARG A 26 23.12 8.67 30.56
CA ARG A 26 24.31 7.92 31.01
C ARG A 26 23.97 6.76 31.94
N ALA A 27 23.10 7.03 32.93
CA ALA A 27 22.66 6.05 33.93
C ALA A 27 21.90 4.87 33.31
N LEU A 28 21.15 5.18 32.24
CA LEU A 28 20.32 4.22 31.52
C LEU A 28 21.11 3.44 30.45
N LEU A 29 21.92 4.13 29.66
CA LEU A 29 22.68 3.50 28.57
C LEU A 29 24.14 3.13 28.78
N GLY A 30 24.81 3.84 29.68
CA GLY A 30 26.23 3.60 29.92
C GLY A 30 26.94 4.84 29.42
N ASP A 31 28.23 4.99 29.74
CA ASP A 31 28.97 6.18 29.31
C ASP A 31 29.43 6.23 27.87
N ASP A 32 29.76 5.06 27.30
CA ASP A 32 30.21 4.97 25.91
C ASP A 32 29.06 5.04 24.88
N ASN A 33 27.82 5.05 25.37
CA ASN A 33 26.63 5.16 24.52
C ASN A 33 26.03 6.58 24.47
N VAL A 34 26.64 7.51 25.22
CA VAL A 34 26.21 8.92 25.24
C VAL A 34 27.38 9.77 24.75
N LEU A 35 27.16 10.47 23.64
CA LEU A 35 28.18 11.30 23.00
C LEU A 35 27.85 12.81 23.13
N VAL A 36 28.64 13.54 23.91
CA VAL A 36 28.45 14.99 24.12
C VAL A 36 29.62 15.87 23.71
N GLU A 37 30.78 15.24 23.47
CA GLU A 37 31.99 15.93 23.03
C GLU A 37 31.93 16.21 21.53
N SER A 38 32.28 17.44 21.15
CA SER A 38 32.24 17.89 19.76
C SER A 38 33.07 17.11 18.73
N ASP A 39 34.09 16.38 19.16
CA ASP A 39 34.87 15.59 18.21
C ASP A 39 34.18 14.25 17.87
N GLN A 40 33.20 13.88 18.69
CA GLN A 40 32.41 12.65 18.51
C GLN A 40 31.14 12.96 17.71
N LEU A 41 30.72 14.21 17.79
CA LEU A 41 29.54 14.71 17.12
C LEU A 41 29.79 15.13 15.67
N VAL A 42 31.04 15.43 15.34
CA VAL A 42 31.44 15.88 14.02
C VAL A 42 31.00 15.00 12.81
N PRO A 43 31.05 13.65 12.92
CA PRO A 43 30.61 12.86 11.76
C PRO A 43 29.11 12.88 11.43
N TYR A 44 28.30 13.32 12.40
CA TYR A 44 26.86 13.42 12.23
C TYR A 44 26.47 14.73 11.54
N ASN A 45 27.37 15.71 11.62
CA ASN A 45 27.16 17.04 11.07
C ASN A 45 27.39 17.19 9.57
N LYS A 46 28.10 16.26 8.93
CA LYS A 46 28.34 16.41 7.49
C LYS A 46 27.11 16.42 6.56
N ILE A 47 26.90 17.59 5.96
CA ILE A 47 25.79 17.85 5.05
C ILE A 47 26.27 18.32 3.69
N MET A 48 25.45 18.07 2.68
CA MET A 48 25.73 18.45 1.30
C MET A 48 24.77 19.56 0.87
N MET A 49 24.11 20.16 1.86
CA MET A 49 23.14 21.25 1.70
C MET A 49 23.85 22.61 1.68
N PRO A 50 23.28 23.62 0.97
CA PRO A 50 23.86 24.97 0.87
C PRO A 50 23.62 25.85 2.10
N VAL A 51 24.14 25.40 3.24
CA VAL A 51 24.02 26.10 4.50
C VAL A 51 25.18 25.59 5.35
N GLU A 52 25.58 26.36 6.35
CA GLU A 52 26.69 25.97 7.23
C GLU A 52 26.25 24.88 8.19
N ASN A 53 27.22 24.11 8.65
CA ASN A 53 27.03 23.00 9.57
C ASN A 53 26.29 23.36 10.86
N ALA A 54 26.52 24.58 11.34
CA ALA A 54 25.92 25.10 12.57
C ALA A 54 24.42 25.08 12.62
N ALA A 55 23.81 25.26 11.45
CA ALA A 55 22.35 25.27 11.29
C ALA A 55 21.67 23.91 11.51
N HIS A 56 22.45 22.83 11.45
CA HIS A 56 21.98 21.46 11.61
C HIS A 56 22.88 20.65 12.56
N ALA A 57 23.52 21.34 13.50
CA ALA A 57 24.42 20.69 14.44
C ALA A 57 23.68 20.12 15.63
N PRO A 58 23.97 18.86 16.01
CA PRO A 58 23.31 18.24 17.16
C PRO A 58 23.89 18.69 18.52
N SER A 59 23.12 18.51 19.59
CA SER A 59 23.57 18.85 20.93
C SER A 59 24.19 17.62 21.59
N ALA A 60 23.73 16.44 21.19
CA ALA A 60 24.23 15.16 21.71
C ALA A 60 23.81 14.00 20.77
N ALA A 61 24.33 12.80 21.07
CA ALA A 61 24.01 11.61 20.29
C ALA A 61 24.00 10.40 21.22
N VAL A 62 22.89 9.69 21.25
CA VAL A 62 22.76 8.50 22.08
C VAL A 62 22.55 7.25 21.23
N THR A 63 23.22 6.17 21.60
CA THR A 63 23.10 4.91 20.86
C THR A 63 22.42 3.79 21.67
N ALA A 64 21.17 3.50 21.31
CA ALA A 64 20.40 2.44 21.96
C ALA A 64 20.58 1.12 21.16
N THR A 65 20.43 -0.02 21.86
CA THR A 65 20.58 -1.35 21.26
C THR A 65 19.36 -2.24 21.43
N THR A 66 18.49 -1.89 22.39
CA THR A 66 17.28 -2.65 22.67
C THR A 66 16.06 -1.74 22.71
N VAL A 67 14.86 -2.31 22.56
CA VAL A 67 13.59 -1.56 22.59
C VAL A 67 13.35 -0.93 23.96
N GLU A 68 13.80 -1.61 25.00
CA GLU A 68 13.67 -1.14 26.40
C GLU A 68 14.43 0.18 26.62
N GLN A 69 15.55 0.31 25.91
CA GLN A 69 16.39 1.49 25.95
C GLN A 69 15.80 2.68 25.20
N VAL A 70 15.13 2.40 24.06
CA VAL A 70 14.47 3.43 23.24
C VAL A 70 13.30 4.00 24.06
N GLN A 71 12.59 3.10 24.77
CA GLN A 71 11.47 3.44 25.64
C GLN A 71 11.98 4.32 26.79
N GLY A 72 13.21 4.04 27.22
CA GLY A 72 13.87 4.77 28.28
C GLY A 72 14.26 6.16 27.86
N VAL A 73 14.92 6.27 26.70
CA VAL A 73 15.35 7.54 26.10
C VAL A 73 14.15 8.50 25.89
N VAL A 74 13.00 7.92 25.54
CA VAL A 74 11.76 8.66 25.29
C VAL A 74 11.13 9.17 26.60
N LYS A 75 11.27 8.37 27.68
CA LYS A 75 10.73 8.75 29.00
C LYS A 75 11.52 9.95 29.55
N ILE A 76 12.85 9.90 29.37
CA ILE A 76 13.75 10.98 29.79
C ILE A 76 13.49 12.23 28.96
N CYS A 77 13.24 12.06 27.66
CA CYS A 77 13.00 13.18 26.74
C CYS A 77 11.70 13.94 27.01
N ASN A 78 10.70 13.22 27.51
CA ASN A 78 9.41 13.80 27.86
C ASN A 78 9.52 14.63 29.14
N GLU A 79 10.38 14.18 30.06
CA GLU A 79 10.61 14.84 31.34
C GLU A 79 11.26 16.22 31.21
N HIS A 80 12.34 16.28 30.43
CA HIS A 80 13.10 17.51 30.22
C HIS A 80 12.87 18.24 28.91
N LYS A 81 11.76 17.89 28.23
CA LYS A 81 11.33 18.45 26.93
C LYS A 81 12.45 18.48 25.87
N ILE A 82 13.17 17.36 25.76
CA ILE A 82 14.30 17.21 24.83
C ILE A 82 13.85 16.65 23.46
N PRO A 83 14.12 17.39 22.37
CA PRO A 83 13.75 16.93 21.02
C PRO A 83 14.77 15.93 20.41
N ILE A 84 14.30 14.73 20.05
CA ILE A 84 15.15 13.70 19.45
C ILE A 84 14.97 13.52 17.95
N TRP A 85 16.08 13.33 17.24
CA TRP A 85 16.08 13.09 15.80
C TRP A 85 16.57 11.66 15.57
N THR A 86 15.66 10.78 15.16
CA THR A 86 16.03 9.38 14.93
C THR A 86 16.60 9.07 13.54
N ILE A 87 17.72 8.36 13.53
CA ILE A 87 18.36 7.90 12.30
C ILE A 87 18.61 6.37 12.44
N SER A 88 18.62 5.65 11.33
CA SER A 88 18.84 4.20 11.36
C SER A 88 20.24 3.91 10.87
N THR A 89 20.46 4.06 9.57
CA THR A 89 21.79 3.87 8.98
C THR A 89 22.38 5.26 8.64
N GLY A 90 21.51 6.28 8.68
CA GLY A 90 21.88 7.67 8.44
C GLY A 90 22.63 8.07 7.19
N ARG A 91 22.42 7.34 6.10
CA ARG A 91 23.11 7.63 4.84
C ARG A 91 22.26 8.42 3.85
N ASN A 92 21.42 9.32 4.36
CA ASN A 92 20.48 10.12 3.57
C ASN A 92 21.10 11.32 2.84
N PHE A 93 22.12 11.04 2.03
CA PHE A 93 22.86 12.05 1.26
C PHE A 93 21.95 12.76 0.26
N GLY A 94 22.03 14.10 0.31
CA GLY A 94 21.21 14.95 -0.53
C GLY A 94 19.84 15.16 0.08
N TYR A 95 19.59 14.55 1.25
CA TYR A 95 18.31 14.68 1.94
C TYR A 95 18.43 15.12 3.42
N GLY A 96 19.62 15.56 3.81
CA GLY A 96 19.88 15.98 5.19
C GLY A 96 20.94 15.15 5.91
N SER A 97 21.36 14.04 5.28
CA SER A 97 22.32 13.08 5.82
C SER A 97 21.94 12.51 7.20
N ALA A 98 22.79 12.69 8.19
CA ALA A 98 22.53 12.17 9.53
C ALA A 98 22.20 13.32 10.47
N ALA A 99 22.26 14.54 9.97
CA ALA A 99 22.02 15.75 10.76
C ALA A 99 20.53 16.10 10.96
N PRO A 100 20.17 16.64 12.15
CA PRO A 100 18.77 17.02 12.46
C PRO A 100 18.16 18.16 11.65
N VAL A 101 16.83 18.22 11.59
CA VAL A 101 16.09 19.26 10.85
C VAL A 101 16.40 20.62 11.43
N GLN A 102 16.50 20.63 12.76
CA GLN A 102 16.76 21.83 13.51
C GLN A 102 18.01 21.70 14.36
N ARG A 103 18.70 22.83 14.56
CA ARG A 103 19.91 22.91 15.37
C ARG A 103 19.63 22.50 16.84
N GLY A 104 20.59 21.78 17.40
CA GLY A 104 20.52 21.37 18.79
C GLY A 104 19.69 20.17 19.18
N GLN A 105 19.10 19.43 18.23
CA GLN A 105 18.30 18.26 18.60
C GLN A 105 19.27 17.13 18.94
N VAL A 106 18.83 16.19 19.78
CA VAL A 106 19.66 15.04 20.15
C VAL A 106 19.41 13.94 19.11
N ILE A 107 20.47 13.30 18.66
CA ILE A 107 20.35 12.24 17.68
C ILE A 107 20.23 10.87 18.37
N LEU A 108 19.11 10.19 18.11
CA LEU A 108 18.95 8.83 18.63
C LEU A 108 19.49 7.97 17.48
N ASP A 109 20.75 7.59 17.60
CA ASP A 109 21.43 6.79 16.59
C ASP A 109 21.22 5.30 16.85
N LEU A 110 20.47 4.67 15.96
CA LEU A 110 20.13 3.25 16.08
C LEU A 110 20.95 2.32 15.19
N LYS A 111 22.18 2.70 14.86
CA LYS A 111 23.01 1.87 13.99
C LYS A 111 23.44 0.57 14.66
N LYS A 112 23.60 0.63 15.99
CA LYS A 112 24.03 -0.53 16.79
C LYS A 112 22.97 -1.63 16.92
N MET A 113 21.71 -1.29 16.61
CA MET A 113 20.57 -2.23 16.60
C MET A 113 20.63 -2.91 15.23
N ASN A 114 21.61 -3.78 15.01
CA ASN A 114 21.79 -4.40 13.71
C ASN A 114 21.48 -5.89 13.58
N LYS A 115 20.41 -6.32 14.25
CA LYS A 115 20.03 -7.73 14.23
C LYS A 115 19.02 -8.09 13.16
N ILE A 116 19.33 -9.13 12.37
CA ILE A 116 18.43 -9.68 11.33
C ILE A 116 17.62 -10.72 12.11
N ILE A 117 16.36 -10.40 12.37
CA ILE A 117 15.49 -11.26 13.17
C ILE A 117 15.00 -12.54 12.48
N LYS A 118 14.71 -12.45 11.19
CA LYS A 118 14.19 -13.60 10.43
C LYS A 118 14.18 -13.30 8.95
N ILE A 119 14.56 -14.29 8.16
CA ILE A 119 14.51 -14.24 6.70
C ILE A 119 13.92 -15.59 6.38
N ASP A 120 12.66 -15.61 5.98
CA ASP A 120 11.94 -16.83 5.64
C ASP A 120 12.12 -17.07 4.12
N PRO A 121 12.84 -18.13 3.75
CA PRO A 121 13.05 -18.41 2.32
C PRO A 121 11.86 -18.97 1.53
N GLU A 122 10.90 -19.58 2.22
CA GLU A 122 9.69 -20.14 1.58
C GLU A 122 8.62 -19.08 1.36
N MET A 123 8.33 -18.32 2.41
CA MET A 123 7.33 -17.25 2.34
C MET A 123 7.87 -15.94 1.79
N CYS A 124 9.19 -15.89 1.61
CA CYS A 124 9.92 -14.75 1.05
C CYS A 124 9.64 -13.40 1.69
N TYR A 125 10.13 -13.27 2.91
CA TYR A 125 10.01 -12.04 3.69
C TYR A 125 11.21 -11.88 4.62
N ALA A 126 11.37 -10.68 5.16
CA ALA A 126 12.45 -10.38 6.10
C ALA A 126 11.96 -9.45 7.21
N LEU A 127 12.42 -9.69 8.44
CA LEU A 127 12.10 -8.84 9.59
C LEU A 127 13.45 -8.42 10.13
N VAL A 128 13.71 -7.11 10.09
CA VAL A 128 14.99 -6.55 10.54
C VAL A 128 14.91 -5.41 11.57
N GLU A 129 16.07 -5.07 12.12
CA GLU A 129 16.20 -4.00 13.10
C GLU A 129 16.74 -2.78 12.31
N PRO A 130 16.60 -1.53 12.82
CA PRO A 130 17.08 -0.34 12.12
C PRO A 130 18.49 -0.25 11.59
N GLY A 131 19.44 -0.80 12.35
CA GLY A 131 20.83 -0.73 11.97
C GLY A 131 21.32 -1.70 10.93
N VAL A 132 20.44 -2.56 10.44
CA VAL A 132 20.79 -3.55 9.42
C VAL A 132 21.07 -2.86 8.09
N THR A 133 22.21 -3.19 7.46
CA THR A 133 22.51 -2.60 6.17
C THR A 133 22.17 -3.60 5.09
N PHE A 134 22.01 -3.11 3.85
CA PHE A 134 21.72 -3.97 2.70
C PHE A 134 22.91 -4.89 2.39
N GLY A 135 24.12 -4.43 2.73
CA GLY A 135 25.33 -5.21 2.55
C GLY A 135 25.34 -6.36 3.54
N GLN A 136 24.92 -6.08 4.77
CA GLN A 136 24.83 -7.09 5.82
C GLN A 136 23.83 -8.18 5.41
N MET A 137 22.74 -7.76 4.75
CA MET A 137 21.72 -8.68 4.26
C MET A 137 22.21 -9.52 3.09
N TYR A 138 22.97 -8.88 2.19
CA TYR A 138 23.53 -9.55 1.02
C TYR A 138 24.48 -10.65 1.46
N ASP A 139 25.28 -10.38 2.49
CA ASP A 139 26.23 -11.37 3.02
C ASP A 139 25.52 -12.57 3.60
N TYR A 140 24.47 -12.32 4.39
CA TYR A 140 23.65 -13.36 5.02
C TYR A 140 22.97 -14.23 3.95
N ILE A 141 22.53 -13.62 2.85
CA ILE A 141 21.86 -14.34 1.76
C ILE A 141 22.87 -15.17 0.95
N GLN A 142 24.13 -14.70 0.87
CA GLN A 142 25.16 -15.42 0.14
C GLN A 142 25.72 -16.58 0.93
N GLU A 143 25.91 -16.36 2.23
CA GLU A 143 26.44 -17.34 3.16
C GLU A 143 25.49 -18.53 3.32
N ASN A 144 24.21 -18.22 3.53
CA ASN A 144 23.19 -19.24 3.75
C ASN A 144 22.49 -19.81 2.50
N ASN A 145 22.95 -19.38 1.33
CA ASN A 145 22.44 -19.82 0.02
C ASN A 145 20.89 -19.73 -0.15
N LEU A 146 20.32 -18.65 0.39
CA LEU A 146 18.88 -18.41 0.34
C LEU A 146 18.46 -17.96 -1.06
N PRO A 147 17.35 -18.52 -1.60
CA PRO A 147 16.90 -18.14 -2.95
C PRO A 147 16.08 -16.84 -3.05
N VAL A 148 16.50 -15.83 -2.30
CA VAL A 148 15.82 -14.54 -2.31
C VAL A 148 16.70 -13.46 -2.94
N MET A 149 16.07 -12.40 -3.41
CA MET A 149 16.74 -11.27 -4.04
C MET A 149 16.33 -9.99 -3.29
N LEU A 150 17.27 -9.05 -3.20
CA LEU A 150 17.03 -7.78 -2.52
C LEU A 150 16.74 -6.66 -3.50
N SER A 151 16.09 -5.62 -2.98
CA SER A 151 15.82 -4.41 -3.73
C SER A 151 16.38 -3.29 -2.87
N PHE A 152 17.17 -2.43 -3.49
CA PHE A 152 17.76 -1.35 -2.75
C PHE A 152 18.03 -0.10 -3.51
N SER A 153 18.27 0.96 -2.74
CA SER A 153 18.62 2.26 -3.25
C SER A 153 20.09 2.15 -3.76
N ALA A 154 20.59 3.11 -4.55
CA ALA A 154 21.98 3.02 -5.05
C ALA A 154 23.10 2.95 -3.99
N PRO A 155 22.96 3.63 -2.80
CA PRO A 155 24.02 3.53 -1.77
C PRO A 155 24.09 2.13 -1.16
N SER A 156 23.17 1.27 -1.63
CA SER A 156 23.04 -0.14 -1.27
C SER A 156 23.77 -0.67 -0.05
N ALA A 157 25.00 -1.13 -0.26
CA ALA A 157 25.88 -1.71 0.76
C ALA A 157 25.98 -0.95 2.07
N ILE A 158 26.00 0.39 2.00
CA ILE A 158 26.09 1.20 3.20
C ILE A 158 24.77 1.65 3.81
N ALA A 159 23.70 1.62 3.02
CA ALA A 159 22.36 2.03 3.49
C ALA A 159 21.57 0.83 4.03
N GLY A 160 20.36 1.07 4.51
CA GLY A 160 19.55 -0.02 5.03
C GLY A 160 18.07 0.04 4.71
N PRO A 161 17.34 -1.08 4.87
CA PRO A 161 15.89 -1.19 4.61
C PRO A 161 15.02 -0.24 5.44
N VAL A 162 15.22 -0.20 6.76
CA VAL A 162 14.41 0.64 7.65
C VAL A 162 14.47 2.13 7.38
N GLY A 163 15.67 2.65 7.19
CA GLY A 163 15.85 4.08 6.93
C GLY A 163 15.30 4.54 5.59
N ASN A 164 15.58 3.78 4.54
CA ASN A 164 15.13 4.09 3.19
C ASN A 164 13.60 4.03 3.05
N THR A 165 12.98 3.06 3.71
CA THR A 165 11.52 2.89 3.64
C THR A 165 10.78 3.89 4.51
N MET A 166 11.42 4.40 5.57
CA MET A 166 10.79 5.41 6.43
C MET A 166 10.72 6.68 5.62
N ASP A 167 11.67 6.86 4.71
CA ASP A 167 11.67 8.03 3.84
C ASP A 167 11.03 7.72 2.49
N ARG A 168 10.44 6.52 2.38
CA ARG A 168 9.79 6.02 1.16
C ARG A 168 10.64 6.05 -0.12
N GLY A 169 11.86 5.51 0.01
CA GLY A 169 12.80 5.45 -1.10
C GLY A 169 12.48 4.45 -2.20
N VAL A 170 13.29 4.49 -3.26
CA VAL A 170 13.11 3.63 -4.42
C VAL A 170 14.28 2.75 -4.86
N GLY A 171 13.93 1.55 -5.33
CA GLY A 171 14.86 0.55 -5.81
C GLY A 171 14.71 0.32 -7.29
N TYR A 172 15.35 -0.72 -7.83
CA TYR A 172 15.33 -0.98 -9.28
C TYR A 172 14.88 -2.36 -9.76
N THR A 173 14.49 -3.23 -8.83
CA THR A 173 14.01 -4.59 -9.13
C THR A 173 12.45 -4.53 -9.23
N PRO A 174 11.72 -5.66 -9.46
CA PRO A 174 10.24 -5.49 -9.52
C PRO A 174 9.58 -5.08 -8.22
N TYR A 175 10.35 -5.18 -7.14
CA TYR A 175 9.95 -4.81 -5.79
C TYR A 175 10.54 -3.41 -5.49
N GLY A 176 10.66 -2.61 -6.55
CA GLY A 176 11.24 -1.28 -6.50
C GLY A 176 10.63 -0.20 -5.65
N GLU A 177 9.30 -0.10 -5.62
CA GLU A 177 8.61 0.88 -4.79
C GLU A 177 8.59 0.19 -3.43
N HIS A 178 9.63 0.47 -2.65
CA HIS A 178 9.88 -0.14 -1.35
C HIS A 178 8.78 -0.13 -0.31
N PHE A 179 8.01 0.96 -0.22
CA PHE A 179 6.94 1.04 0.76
C PHE A 179 5.72 0.20 0.38
N MET A 180 5.63 -0.17 -0.90
CA MET A 180 4.54 -1.00 -1.42
C MET A 180 4.77 -2.44 -0.93
N MET A 181 6.04 -2.78 -0.76
CA MET A 181 6.45 -4.12 -0.32
C MET A 181 6.69 -4.28 1.17
N GLN A 182 6.52 -3.20 1.92
CA GLN A 182 6.68 -3.20 3.37
C GLN A 182 5.49 -3.96 3.96
N CYS A 183 5.73 -4.71 5.03
CA CYS A 183 4.68 -5.47 5.70
C CYS A 183 4.98 -5.64 7.21
N GLY A 184 4.29 -4.83 8.00
CA GLY A 184 4.44 -4.87 9.43
C GLY A 184 5.63 -4.08 9.99
N MET A 185 5.36 -3.30 11.03
CA MET A 185 6.40 -2.54 11.70
C MET A 185 6.08 -2.36 13.16
N GLU A 186 7.14 -2.23 13.95
CA GLU A 186 7.02 -1.99 15.38
C GLU A 186 7.49 -0.57 15.59
N VAL A 187 6.68 0.19 16.29
CA VAL A 187 6.96 1.58 16.55
C VAL A 187 6.88 1.86 18.07
N VAL A 188 7.83 2.63 18.60
CA VAL A 188 7.81 3.04 20.02
C VAL A 188 7.21 4.43 19.94
N LEU A 189 6.06 4.61 20.58
CA LEU A 189 5.36 5.90 20.59
C LEU A 189 5.98 6.84 21.61
N ALA A 190 5.55 8.11 21.57
CA ALA A 190 6.04 9.13 22.50
C ALA A 190 5.73 8.88 23.98
N ASN A 191 4.68 8.13 24.28
CA ASN A 191 4.31 7.80 25.67
C ASN A 191 5.04 6.55 26.20
N GLY A 192 5.86 5.97 25.36
CA GLY A 192 6.62 4.78 25.75
C GLY A 192 6.09 3.47 25.25
N ASP A 193 4.82 3.44 24.85
CA ASP A 193 4.15 2.23 24.33
C ASP A 193 4.72 1.68 23.03
N VAL A 194 4.73 0.36 22.91
CA VAL A 194 5.23 -0.33 21.74
C VAL A 194 4.03 -0.80 20.90
N TYR A 195 3.88 -0.16 19.74
CA TYR A 195 2.80 -0.47 18.81
C TYR A 195 3.30 -1.30 17.62
N ARG A 196 2.53 -2.32 17.26
CA ARG A 196 2.86 -3.16 16.10
C ARG A 196 1.70 -3.11 15.11
N THR A 197 1.99 -2.66 13.90
CA THR A 197 1.00 -2.57 12.84
C THR A 197 0.55 -3.94 12.29
N GLY A 198 -0.54 -3.90 11.52
CA GLY A 198 -1.09 -5.10 10.91
C GLY A 198 -1.48 -6.21 11.85
N MET A 199 -0.84 -7.36 11.69
CA MET A 199 -1.14 -8.55 12.48
C MET A 199 -0.27 -8.72 13.73
N GLY A 200 0.58 -7.72 14.00
CA GLY A 200 1.49 -7.77 15.13
C GLY A 200 0.87 -7.68 16.50
N GLY A 201 -0.27 -7.01 16.61
CA GLY A 201 -0.92 -6.89 17.90
C GLY A 201 -1.51 -8.20 18.44
N VAL A 202 -1.69 -9.18 17.55
CA VAL A 202 -2.25 -10.48 17.92
C VAL A 202 -1.21 -11.39 18.57
N PRO A 203 -1.42 -11.79 19.84
CA PRO A 203 -0.43 -12.66 20.50
C PRO A 203 -0.32 -14.03 19.84
N GLY A 204 0.91 -14.44 19.57
CA GLY A 204 1.18 -15.73 18.95
C GLY A 204 0.94 -15.77 17.46
N SER A 205 0.94 -14.57 16.86
CA SER A 205 0.72 -14.39 15.42
C SER A 205 1.94 -14.78 14.60
N ASN A 206 1.69 -15.40 13.46
CA ASN A 206 2.74 -15.78 12.52
C ASN A 206 2.48 -15.12 11.18
N THR A 207 1.60 -14.12 11.19
CA THR A 207 1.20 -13.40 9.99
C THR A 207 1.58 -11.91 9.86
N TRP A 208 2.50 -11.44 10.71
CA TRP A 208 2.94 -10.04 10.73
C TRP A 208 3.57 -9.57 9.41
N GLN A 209 4.35 -10.45 8.81
CA GLN A 209 4.99 -10.16 7.53
C GLN A 209 4.29 -10.83 6.35
N ILE A 210 3.07 -11.30 6.59
CA ILE A 210 2.26 -11.98 5.60
C ILE A 210 1.12 -11.15 5.02
N PHE A 211 0.29 -10.59 5.89
CA PHE A 211 -0.86 -9.76 5.51
C PHE A 211 -0.63 -8.30 6.01
N LYS A 212 -0.60 -7.38 5.06
CA LYS A 212 -0.34 -5.96 5.31
C LYS A 212 -1.24 -5.18 6.25
N TRP A 213 -2.53 -5.19 5.94
CA TRP A 213 -3.52 -4.39 6.64
C TRP A 213 -3.91 -4.63 8.09
N GLY A 214 -4.26 -5.86 8.41
CA GLY A 214 -4.70 -6.21 9.73
C GLY A 214 -6.21 -5.94 9.78
N TYR A 215 -6.63 -5.25 10.83
CA TYR A 215 -8.03 -4.90 11.05
C TYR A 215 -8.06 -3.51 11.66
N GLY A 216 -9.13 -2.76 11.39
CA GLY A 216 -9.25 -1.39 11.87
C GLY A 216 -8.37 -0.49 11.02
N PRO A 217 -8.09 0.77 11.37
CA PRO A 217 -7.23 1.58 10.50
C PRO A 217 -5.84 0.98 10.33
N THR A 218 -5.30 1.05 9.11
CA THR A 218 -3.97 0.52 8.86
C THR A 218 -3.01 1.70 8.84
N LEU A 219 -2.20 1.76 9.91
CA LEU A 219 -1.27 2.85 10.18
C LEU A 219 0.19 2.89 9.72
N ASP A 220 0.68 1.90 9.00
CA ASP A 220 2.08 1.91 8.53
C ASP A 220 2.48 3.20 7.81
N GLY A 221 1.60 3.63 6.89
CA GLY A 221 1.79 4.84 6.11
C GLY A 221 1.87 6.12 6.92
N MET A 222 1.15 6.15 8.04
CA MET A 222 1.11 7.27 8.96
C MET A 222 2.47 7.58 9.58
N PHE A 223 3.27 6.55 9.83
CA PHE A 223 4.61 6.72 10.39
C PHE A 223 5.71 7.06 9.38
N THR A 224 5.51 6.75 8.10
CA THR A 224 6.53 7.04 7.09
C THR A 224 6.47 8.50 6.73
N GLN A 225 7.66 9.13 6.70
CA GLN A 225 7.88 10.56 6.44
C GLN A 225 7.18 11.41 7.48
N ALA A 226 7.20 10.91 8.72
CA ALA A 226 6.52 11.56 9.82
C ALA A 226 7.31 11.43 11.10
N ASN A 227 6.85 12.14 12.13
CA ASN A 227 7.49 12.11 13.44
C ASN A 227 6.46 11.71 14.50
N TYR A 228 5.85 10.54 14.30
CA TYR A 228 4.81 10.01 15.20
C TYR A 228 5.25 8.78 15.96
N GLY A 229 6.50 8.40 15.77
CA GLY A 229 7.02 7.22 16.44
C GLY A 229 8.38 6.86 15.90
N ILE A 230 9.11 6.05 16.66
CA ILE A 230 10.46 5.60 16.31
C ILE A 230 10.36 4.12 15.92
N CYS A 231 10.60 3.82 14.64
CA CYS A 231 10.55 2.45 14.13
C CYS A 231 11.71 1.66 14.68
N THR A 232 11.41 0.55 15.36
CA THR A 232 12.41 -0.31 15.96
C THR A 232 12.54 -1.66 15.23
N LYS A 233 11.50 -2.08 14.53
CA LYS A 233 11.51 -3.34 13.79
C LYS A 233 10.68 -3.09 12.55
N MET A 234 11.14 -3.63 11.41
CA MET A 234 10.39 -3.50 10.18
C MET A 234 10.47 -4.74 9.32
N GLY A 235 9.30 -5.10 8.79
CA GLY A 235 9.21 -6.27 7.93
C GLY A 235 8.87 -5.90 6.50
N PHE A 236 9.40 -6.69 5.56
CA PHE A 236 9.14 -6.48 4.14
C PHE A 236 9.24 -7.76 3.34
N TRP A 237 8.66 -7.72 2.15
CA TRP A 237 8.66 -8.87 1.25
C TRP A 237 9.89 -8.86 0.33
N LEU A 238 10.45 -10.05 0.11
CA LEU A 238 11.62 -10.26 -0.76
C LEU A 238 11.20 -11.04 -2.01
N MET A 239 11.77 -10.67 -3.15
CA MET A 239 11.47 -11.33 -4.43
C MET A 239 12.21 -12.64 -4.53
N PRO A 240 11.54 -13.73 -4.98
CA PRO A 240 12.31 -14.98 -5.09
C PRO A 240 13.27 -14.88 -6.30
N LYS A 241 14.47 -15.43 -6.16
CA LYS A 241 15.51 -15.42 -7.21
C LYS A 241 14.98 -16.13 -8.48
N PRO A 242 14.89 -15.41 -9.61
CA PRO A 242 14.40 -16.02 -10.85
C PRO A 242 15.53 -16.82 -11.53
N PRO A 243 15.19 -17.94 -12.24
CA PRO A 243 16.23 -18.74 -12.91
C PRO A 243 17.10 -17.96 -13.91
N VAL A 244 16.49 -17.04 -14.67
CA VAL A 244 17.23 -16.19 -15.61
C VAL A 244 16.90 -14.70 -15.47
N PHE A 245 17.94 -13.88 -15.56
CA PHE A 245 17.88 -12.43 -15.44
C PHE A 245 18.50 -11.86 -16.73
N LYS A 246 17.73 -11.05 -17.46
CA LYS A 246 18.21 -10.46 -18.72
C LYS A 246 18.16 -8.93 -18.74
N PRO A 247 19.30 -8.26 -18.40
CA PRO A 247 19.36 -6.80 -18.41
C PRO A 247 19.64 -6.23 -19.79
N PHE A 248 19.15 -5.03 -20.04
CA PHE A 248 19.39 -4.38 -21.31
C PHE A 248 19.32 -2.88 -21.23
N GLU A 249 19.83 -2.25 -22.26
CA GLU A 249 19.84 -0.81 -22.37
C GLU A 249 19.35 -0.43 -23.75
N VAL A 250 18.74 0.75 -23.86
CA VAL A 250 18.27 1.27 -25.13
C VAL A 250 18.76 2.73 -25.13
N ILE A 251 19.75 3.01 -25.98
CA ILE A 251 20.36 4.36 -26.11
C ILE A 251 19.65 5.21 -27.17
N PHE A 252 19.22 6.42 -26.79
CA PHE A 252 18.52 7.34 -27.70
C PHE A 252 19.35 8.59 -27.94
N GLU A 253 19.32 9.09 -29.18
CA GLU A 253 20.11 10.24 -29.60
C GLU A 253 19.63 11.66 -29.32
N ASP A 254 18.35 11.95 -29.52
CA ASP A 254 17.85 13.30 -29.30
C ASP A 254 17.18 13.54 -27.96
N GLU A 255 17.29 14.78 -27.48
CA GLU A 255 16.72 15.21 -26.20
C GLU A 255 15.18 15.22 -26.27
N ALA A 256 14.67 15.41 -27.49
CA ALA A 256 13.23 15.46 -27.76
C ALA A 256 12.62 14.06 -27.89
N ASP A 257 13.47 13.03 -27.86
CA ASP A 257 13.00 11.65 -27.96
C ASP A 257 12.26 11.16 -26.74
N ILE A 258 12.39 11.89 -25.63
CA ILE A 258 11.75 11.55 -24.37
C ILE A 258 10.25 11.27 -24.46
N VAL A 259 9.53 12.04 -25.28
CA VAL A 259 8.09 11.91 -25.47
C VAL A 259 7.67 10.54 -26.00
N GLU A 260 8.39 10.06 -27.01
CA GLU A 260 8.10 8.77 -27.62
C GLU A 260 8.59 7.56 -26.84
N ILE A 261 9.65 7.75 -26.05
CA ILE A 261 10.23 6.68 -25.21
C ILE A 261 9.24 6.33 -24.10
N VAL A 262 8.77 7.37 -23.40
CA VAL A 262 7.84 7.22 -22.30
C VAL A 262 6.51 6.62 -22.74
N ASP A 263 5.94 7.16 -23.82
CA ASP A 263 4.66 6.69 -24.37
C ASP A 263 4.68 5.28 -24.92
N ALA A 264 5.85 4.82 -25.36
CA ALA A 264 6.02 3.48 -25.89
C ALA A 264 6.31 2.48 -24.77
N LEU A 265 6.94 2.97 -23.70
CA LEU A 265 7.34 2.17 -22.53
C LEU A 265 6.18 1.86 -21.59
N ARG A 266 5.23 2.80 -21.51
CA ARG A 266 4.06 2.71 -20.64
C ARG A 266 3.23 1.43 -20.76
N PRO A 267 2.81 1.00 -21.98
CA PRO A 267 2.02 -0.24 -22.07
C PRO A 267 2.80 -1.49 -21.63
N LEU A 268 4.12 -1.42 -21.72
CA LEU A 268 5.00 -2.52 -21.32
C LEU A 268 5.18 -2.59 -19.81
N ARG A 269 5.11 -1.45 -19.13
CA ARG A 269 5.22 -1.37 -17.67
C ARG A 269 3.90 -1.75 -17.02
N MET A 270 2.81 -1.25 -17.61
CA MET A 270 1.46 -1.50 -17.13
C MET A 270 1.01 -2.95 -17.23
N SER A 271 1.44 -3.63 -18.29
CA SER A 271 1.12 -5.02 -18.56
C SER A 271 2.10 -5.95 -17.84
N ASN A 272 3.12 -5.36 -17.22
CA ASN A 272 4.15 -6.05 -16.46
C ASN A 272 5.14 -6.89 -17.30
N THR A 273 5.22 -6.57 -18.60
CA THR A 273 6.14 -7.24 -19.56
C THR A 273 7.56 -6.87 -19.07
N ILE A 274 7.79 -5.58 -18.83
CA ILE A 274 9.04 -5.09 -18.21
C ILE A 274 8.48 -4.87 -16.77
N PRO A 275 8.81 -5.77 -15.83
CA PRO A 275 8.31 -5.65 -14.46
C PRO A 275 9.04 -4.78 -13.44
N ASN A 276 10.24 -4.29 -13.80
CA ASN A 276 11.05 -3.50 -12.88
C ASN A 276 11.01 -2.01 -13.07
N SER A 277 11.48 -1.28 -12.08
CA SER A 277 11.53 0.19 -12.15
C SER A 277 12.59 0.54 -13.19
N VAL A 278 12.11 1.05 -14.31
CA VAL A 278 12.96 1.44 -15.42
C VAL A 278 13.58 2.82 -15.19
N VAL A 279 14.86 2.96 -15.54
CA VAL A 279 15.55 4.24 -15.42
C VAL A 279 15.84 4.76 -16.82
N ILE A 280 15.49 6.02 -17.06
CA ILE A 280 15.77 6.71 -18.32
C ILE A 280 16.72 7.85 -17.89
N ALA A 281 18.03 7.60 -17.98
CA ALA A 281 19.03 8.57 -17.56
C ALA A 281 19.51 9.57 -18.59
N SER A 282 19.57 10.85 -18.21
CA SER A 282 20.07 11.90 -19.11
C SER A 282 21.58 11.72 -19.36
N THR A 283 22.09 12.34 -20.42
CA THR A 283 23.50 12.24 -20.80
C THR A 283 24.51 12.61 -19.70
N LEU A 284 24.21 13.68 -18.96
CA LEU A 284 25.04 14.16 -17.86
C LEU A 284 25.01 13.25 -16.63
N TRP A 285 23.86 12.60 -16.37
CA TRP A 285 23.73 11.65 -15.27
C TRP A 285 24.56 10.44 -15.64
N GLU A 286 24.35 9.97 -16.88
CA GLU A 286 25.06 8.83 -17.42
C GLU A 286 26.58 9.05 -17.35
N ALA A 287 27.01 10.26 -17.71
CA ALA A 287 28.42 10.65 -17.70
C ALA A 287 29.00 10.58 -16.30
N GLY A 288 28.32 11.19 -15.34
CA GLY A 288 28.73 11.20 -13.95
C GLY A 288 28.89 9.80 -13.36
N SER A 289 27.99 8.89 -13.73
CA SER A 289 28.02 7.51 -13.25
C SER A 289 29.11 6.65 -13.90
N ALA A 290 29.61 7.11 -15.05
CA ALA A 290 30.68 6.40 -15.78
C ALA A 290 32.04 6.98 -15.37
N HIS A 291 31.96 7.91 -14.43
CA HIS A 291 33.09 8.63 -13.81
C HIS A 291 33.83 9.66 -14.67
N LEU A 292 33.07 10.38 -15.47
CA LEU A 292 33.60 11.44 -16.32
C LEU A 292 33.37 12.75 -15.56
N THR A 293 34.38 13.59 -15.52
CA THR A 293 34.29 14.87 -14.82
C THR A 293 34.04 15.99 -15.82
N ARG A 294 33.57 17.14 -15.34
CA ARG A 294 33.30 18.30 -16.20
C ARG A 294 34.60 18.92 -16.68
N ALA A 295 35.60 18.94 -15.79
CA ALA A 295 36.92 19.51 -16.03
C ALA A 295 37.69 18.89 -17.19
N GLN A 296 37.36 17.65 -17.57
CA GLN A 296 38.04 17.02 -18.69
C GLN A 296 37.33 17.32 -20.01
N TYR A 297 36.41 18.28 -19.98
CA TYR A 297 35.67 18.69 -21.18
C TYR A 297 35.57 20.21 -21.34
N THR A 298 35.54 20.94 -20.22
CA THR A 298 35.44 22.40 -20.19
C THR A 298 35.73 22.96 -18.80
N THR A 299 36.36 24.14 -18.75
CA THR A 299 36.68 24.82 -17.50
C THR A 299 35.98 26.17 -17.41
N GLU A 300 35.17 26.43 -18.44
CA GLU A 300 34.37 27.66 -18.60
C GLU A 300 33.29 27.75 -17.49
N PRO A 301 33.04 28.95 -16.92
CA PRO A 301 32.03 29.07 -15.87
C PRO A 301 30.57 28.85 -16.34
N GLY A 302 29.67 28.63 -15.40
CA GLY A 302 28.27 28.39 -15.74
C GLY A 302 28.02 26.94 -16.11
N HIS A 303 26.86 26.68 -16.72
CA HIS A 303 26.47 25.32 -17.11
C HIS A 303 27.32 24.74 -18.25
N THR A 304 27.16 23.44 -18.50
CA THR A 304 27.87 22.74 -19.56
C THR A 304 27.04 22.96 -20.85
N PRO A 305 27.58 23.73 -21.83
CA PRO A 305 26.87 24.00 -23.10
C PRO A 305 26.48 22.77 -23.91
N ASP A 306 25.40 22.91 -24.68
CA ASP A 306 24.85 21.86 -25.54
C ASP A 306 25.87 21.28 -26.53
N SER A 307 26.82 22.13 -26.92
CA SER A 307 27.90 21.77 -27.85
C SER A 307 28.88 20.75 -27.26
N VAL A 308 29.22 20.93 -25.98
CA VAL A 308 30.15 20.02 -25.27
C VAL A 308 29.43 18.72 -24.83
N ILE A 309 28.10 18.78 -24.72
CA ILE A 309 27.30 17.61 -24.36
C ILE A 309 27.21 16.72 -25.61
N LYS A 310 27.06 17.37 -26.78
CA LYS A 310 26.98 16.68 -28.07
C LYS A 310 28.33 16.05 -28.40
N GLN A 311 29.40 16.70 -27.95
CA GLN A 311 30.78 16.23 -28.15
C GLN A 311 30.98 15.01 -27.25
N MET A 312 30.44 15.10 -26.03
CA MET A 312 30.50 14.03 -25.02
C MET A 312 29.84 12.75 -25.52
N GLN A 313 28.77 12.91 -26.31
CA GLN A 313 28.01 11.79 -26.89
C GLN A 313 28.77 11.03 -27.99
N LYS A 314 29.53 11.78 -28.80
CA LYS A 314 30.32 11.20 -29.88
C LYS A 314 31.53 10.41 -29.38
N ASP A 315 32.27 10.98 -28.43
CA ASP A 315 33.48 10.39 -27.86
C ASP A 315 33.28 9.10 -27.05
N THR A 316 32.11 8.98 -26.42
CA THR A 316 31.81 7.84 -25.55
C THR A 316 30.71 6.89 -26.03
N GLY A 317 29.77 7.40 -26.83
CA GLY A 317 28.71 6.55 -27.34
C GLY A 317 27.41 6.58 -26.57
N MET A 318 27.32 7.52 -25.61
CA MET A 318 26.13 7.73 -24.78
C MET A 318 25.09 8.52 -25.56
N GLY A 319 23.84 8.42 -25.13
CA GLY A 319 22.80 9.16 -25.82
C GLY A 319 22.27 10.28 -24.95
N ALA A 320 21.25 10.97 -25.45
CA ALA A 320 20.63 12.05 -24.70
C ALA A 320 19.81 11.41 -23.56
N TRP A 321 19.27 10.22 -23.85
CA TRP A 321 18.49 9.43 -22.92
C TRP A 321 18.96 8.00 -23.02
N ASN A 322 19.30 7.42 -21.88
CA ASN A 322 19.76 6.04 -21.80
C ASN A 322 18.84 5.27 -20.87
N LEU A 323 18.06 4.36 -21.44
CA LEU A 323 17.13 3.56 -20.67
C LEU A 323 17.66 2.20 -20.30
N TYR A 324 17.53 1.85 -19.02
CA TYR A 324 17.98 0.56 -18.50
C TYR A 324 16.78 -0.17 -17.94
N ALA A 325 16.55 -1.38 -18.41
CA ALA A 325 15.43 -2.21 -17.99
C ALA A 325 15.91 -3.61 -17.77
N ALA A 326 14.99 -4.50 -17.37
CA ALA A 326 15.34 -5.89 -17.12
C ALA A 326 14.16 -6.86 -17.15
N LEU A 327 14.42 -8.05 -17.68
CA LEU A 327 13.46 -9.15 -17.80
C LEU A 327 13.84 -10.24 -16.81
N TYR A 328 12.82 -10.79 -16.15
CA TYR A 328 13.00 -11.84 -15.12
C TYR A 328 12.05 -12.99 -15.44
N GLY A 329 12.40 -14.19 -14.98
CA GLY A 329 11.56 -15.35 -15.20
C GLY A 329 12.32 -16.56 -15.66
N THR A 330 11.60 -17.50 -16.29
CA THR A 330 12.19 -18.71 -16.87
C THR A 330 12.70 -18.33 -18.25
N GLN A 331 13.56 -19.17 -18.84
CA GLN A 331 14.12 -18.88 -20.16
C GLN A 331 13.07 -18.63 -21.23
N GLU A 332 12.01 -19.44 -21.19
CA GLU A 332 10.91 -19.34 -22.15
C GLU A 332 10.09 -18.07 -21.91
N GLN A 333 9.96 -17.67 -20.64
CA GLN A 333 9.22 -16.46 -20.25
C GLN A 333 9.97 -15.21 -20.73
N VAL A 334 11.29 -15.22 -20.54
CA VAL A 334 12.19 -14.15 -20.95
C VAL A 334 12.27 -14.03 -22.48
N ASP A 335 12.28 -15.18 -23.17
CA ASP A 335 12.35 -15.20 -24.64
C ASP A 335 11.12 -14.58 -25.33
N VAL A 336 9.92 -14.81 -24.79
CA VAL A 336 8.72 -14.24 -25.40
C VAL A 336 8.57 -12.77 -25.08
N ASN A 337 9.06 -12.39 -23.89
CA ASN A 337 9.01 -11.01 -23.44
C ASN A 337 10.05 -10.18 -24.17
N TRP A 338 11.18 -10.83 -24.53
CA TRP A 338 12.25 -10.17 -25.29
C TRP A 338 11.79 -9.88 -26.71
N LYS A 339 11.01 -10.81 -27.26
CA LYS A 339 10.46 -10.67 -28.61
C LYS A 339 9.44 -9.51 -28.64
N ILE A 340 8.69 -9.31 -27.55
CA ILE A 340 7.68 -8.23 -27.42
C ILE A 340 8.35 -6.86 -27.29
N VAL A 341 9.38 -6.79 -26.43
CA VAL A 341 10.13 -5.55 -26.17
C VAL A 341 10.90 -5.07 -27.43
N THR A 342 11.56 -6.03 -28.10
CA THR A 342 12.34 -5.81 -29.33
C THR A 342 11.48 -5.25 -30.47
N ASP A 343 10.28 -5.82 -30.65
CA ASP A 343 9.36 -5.38 -31.68
C ASP A 343 8.84 -3.96 -31.46
N VAL A 344 8.62 -3.59 -30.20
CA VAL A 344 8.15 -2.24 -29.83
C VAL A 344 9.18 -1.19 -30.22
N PHE A 345 10.46 -1.49 -29.94
CA PHE A 345 11.56 -0.58 -30.27
C PHE A 345 11.92 -0.52 -31.76
N LYS A 346 11.75 -1.65 -32.46
CA LYS A 346 12.00 -1.73 -33.91
C LYS A 346 10.92 -0.89 -34.62
N LYS A 347 9.66 -1.06 -34.19
CA LYS A 347 8.50 -0.33 -34.73
C LYS A 347 8.58 1.19 -34.53
N LEU A 348 9.37 1.62 -33.54
CA LEU A 348 9.57 3.03 -33.25
C LEU A 348 10.53 3.67 -34.26
N GLY A 349 11.54 2.89 -34.66
CA GLY A 349 12.55 3.34 -35.60
C GLY A 349 13.50 4.33 -34.96
N LYS A 350 13.75 4.12 -33.66
CA LYS A 350 14.62 4.96 -32.84
C LYS A 350 15.34 4.14 -31.76
N GLY A 351 16.55 4.60 -31.42
CA GLY A 351 17.33 3.96 -30.38
C GLY A 351 18.04 2.65 -30.65
N ARG A 352 19.28 2.55 -30.18
CA ARG A 352 20.10 1.36 -30.32
C ARG A 352 19.90 0.47 -29.08
N ILE A 353 19.72 -0.82 -29.31
CA ILE A 353 19.56 -1.79 -28.22
C ILE A 353 20.90 -2.45 -27.94
N VAL A 354 21.35 -2.35 -26.68
CA VAL A 354 22.61 -2.95 -26.24
C VAL A 354 22.35 -3.96 -25.14
N THR A 355 22.87 -5.18 -25.33
CA THR A 355 22.70 -6.30 -24.41
C THR A 355 23.93 -6.58 -23.53
N GLN A 356 23.79 -7.57 -22.65
CA GLN A 356 24.82 -8.00 -21.71
C GLN A 356 26.05 -8.59 -22.39
N GLU A 357 25.86 -9.11 -23.60
CA GLU A 357 26.95 -9.72 -24.39
C GLU A 357 27.86 -8.65 -25.00
N GLU A 358 27.26 -7.60 -25.57
CA GLU A 358 28.01 -6.52 -26.22
C GLU A 358 28.39 -5.31 -25.34
N ALA A 359 28.12 -5.41 -24.04
CA ALA A 359 28.46 -4.34 -23.08
C ALA A 359 29.17 -4.98 -21.90
N GLY A 360 28.55 -6.03 -21.35
CA GLY A 360 29.07 -6.82 -20.22
C GLY A 360 29.86 -6.23 -19.07
N ASP A 361 31.18 -6.12 -19.26
CA ASP A 361 32.07 -5.59 -18.23
C ASP A 361 32.29 -4.08 -18.21
N THR A 362 31.70 -3.37 -19.17
CA THR A 362 31.85 -1.92 -19.24
C THR A 362 30.83 -1.14 -18.37
N GLN A 363 31.22 0.05 -17.92
CA GLN A 363 30.36 0.90 -17.11
C GLN A 363 29.70 1.94 -18.05
N PRO A 364 28.48 2.46 -17.72
CA PRO A 364 27.60 2.21 -16.57
C PRO A 364 26.65 1.00 -16.60
N PHE A 365 26.65 0.24 -17.70
CA PHE A 365 25.82 -0.97 -17.88
C PHE A 365 26.01 -1.97 -16.76
N LYS A 366 27.25 -2.21 -16.36
CA LYS A 366 27.56 -3.17 -15.30
C LYS A 366 26.87 -2.90 -13.96
N TYR A 367 26.91 -1.65 -13.48
CA TYR A 367 26.28 -1.31 -12.20
C TYR A 367 24.77 -1.33 -12.20
N ARG A 368 24.19 -0.91 -13.33
CA ARG A 368 22.75 -0.87 -13.48
C ARG A 368 22.20 -2.30 -13.50
N ALA A 369 22.93 -3.21 -14.15
CA ALA A 369 22.58 -4.61 -14.23
C ALA A 369 22.66 -5.24 -12.84
N GLN A 370 23.63 -4.76 -12.04
CA GLN A 370 23.81 -5.21 -10.66
C GLN A 370 22.69 -4.71 -9.76
N LEU A 371 22.33 -3.44 -9.92
CA LEU A 371 21.26 -2.81 -9.15
C LEU A 371 19.89 -3.45 -9.42
N MET A 372 19.68 -3.89 -10.66
CA MET A 372 18.43 -4.52 -11.08
C MET A 372 18.35 -6.01 -10.69
N SER A 373 19.43 -6.53 -10.12
CA SER A 373 19.46 -7.92 -9.67
C SER A 373 19.86 -8.06 -8.22
N GLY A 374 19.85 -6.95 -7.49
CA GLY A 374 20.17 -6.98 -6.07
C GLY A 374 21.60 -7.26 -5.65
N VAL A 375 22.56 -6.82 -6.48
CA VAL A 375 23.99 -6.97 -6.19
C VAL A 375 24.51 -5.54 -5.87
N PRO A 376 25.03 -5.31 -4.64
CA PRO A 376 25.55 -3.99 -4.22
C PRO A 376 26.79 -3.42 -4.91
N ASN A 377 26.78 -2.11 -5.08
CA ASN A 377 27.87 -1.33 -5.65
C ASN A 377 27.58 0.13 -5.34
N LEU A 378 28.62 0.93 -5.22
CA LEU A 378 28.49 2.36 -4.90
C LEU A 378 28.96 3.23 -6.07
N GLN A 379 28.88 2.64 -7.27
CA GLN A 379 29.28 3.24 -8.53
C GLN A 379 28.65 4.60 -8.86
N GLU A 380 27.37 4.74 -8.52
CA GLU A 380 26.61 5.96 -8.78
C GLU A 380 27.11 7.18 -8.00
N PHE A 381 28.02 6.98 -7.05
CA PHE A 381 28.57 8.10 -6.28
C PHE A 381 29.52 8.97 -7.09
N GLY A 382 29.72 8.57 -8.35
CA GLY A 382 30.54 9.32 -9.28
C GLY A 382 29.88 10.65 -9.65
N LEU A 383 28.60 10.76 -9.35
CA LEU A 383 27.82 11.96 -9.60
C LEU A 383 28.36 13.13 -8.79
N TYR A 384 28.99 12.80 -7.66
CA TYR A 384 29.54 13.84 -6.79
C TYR A 384 30.92 14.28 -7.26
N ASN A 385 31.43 13.60 -8.29
CA ASN A 385 32.72 13.90 -8.86
C ASN A 385 32.57 14.73 -10.12
N TRP A 386 31.33 14.86 -10.62
CA TRP A 386 31.05 15.64 -11.84
C TRP A 386 31.53 17.10 -11.72
N ARG A 387 31.32 17.71 -10.55
CA ARG A 387 31.75 19.07 -10.29
C ARG A 387 32.55 19.11 -8.98
N GLY A 388 32.37 18.06 -8.15
CA GLY A 388 33.03 17.98 -6.85
C GLY A 388 32.56 19.01 -5.82
N GLY A 389 33.32 19.18 -4.75
CA GLY A 389 32.97 20.15 -3.73
C GLY A 389 32.10 19.62 -2.63
N GLY A 390 31.45 18.48 -2.88
CA GLY A 390 30.57 17.84 -1.92
C GLY A 390 29.23 18.49 -1.72
N GLY A 391 28.75 19.17 -2.74
CA GLY A 391 27.45 19.82 -2.69
C GLY A 391 26.49 19.11 -3.61
N SER A 392 25.41 18.58 -3.01
CA SER A 392 24.39 17.84 -3.74
C SER A 392 23.05 17.88 -3.03
N MET A 393 22.00 18.19 -3.79
CA MET A 393 20.60 18.22 -3.30
C MET A 393 19.74 17.54 -4.33
N TRP A 394 18.73 16.82 -3.87
CA TRP A 394 17.81 16.15 -4.78
C TRP A 394 16.51 16.89 -4.97
N PHE A 395 16.26 17.29 -6.21
CA PHE A 395 15.00 17.93 -6.53
C PHE A 395 14.27 16.78 -7.23
N ALA A 396 13.21 16.27 -6.60
CA ALA A 396 12.52 15.13 -7.17
C ALA A 396 11.01 15.25 -7.36
N PRO A 397 10.57 15.99 -8.39
CA PRO A 397 9.13 16.13 -8.63
C PRO A 397 8.52 14.83 -9.16
N VAL A 398 7.21 14.76 -9.05
CA VAL A 398 6.42 13.62 -9.47
C VAL A 398 5.69 13.97 -10.75
N SER A 399 5.69 13.04 -11.69
CA SER A 399 4.94 13.26 -12.93
C SER A 399 4.24 12.01 -13.37
N GLU A 400 3.29 12.23 -14.27
CA GLU A 400 2.48 11.23 -14.94
C GLU A 400 3.45 10.53 -15.92
N ALA A 401 3.34 9.21 -16.09
CA ALA A 401 4.20 8.48 -17.04
C ALA A 401 3.63 8.69 -18.44
N ARG A 402 3.56 9.96 -18.81
CA ARG A 402 3.06 10.43 -20.09
C ARG A 402 4.18 11.32 -20.63
N GLY A 403 4.61 11.01 -21.86
CA GLY A 403 5.70 11.71 -22.53
C GLY A 403 5.75 13.23 -22.63
N SER A 404 4.60 13.86 -22.87
CA SER A 404 4.53 15.31 -22.98
C SER A 404 4.85 15.99 -21.64
N GLU A 405 4.47 15.31 -20.55
CA GLU A 405 4.68 15.78 -19.17
C GLU A 405 6.14 15.72 -18.77
N CYS A 406 6.80 14.66 -19.22
CA CYS A 406 8.21 14.44 -18.93
C CYS A 406 9.07 15.50 -19.63
N LYS A 407 8.69 15.80 -20.88
CA LYS A 407 9.34 16.80 -21.73
C LYS A 407 9.15 18.20 -21.13
N LYS A 408 7.95 18.48 -20.64
CA LYS A 408 7.63 19.76 -20.04
C LYS A 408 8.43 20.00 -18.77
N GLN A 409 8.52 18.98 -17.91
CA GLN A 409 9.25 19.06 -16.65
C GLN A 409 10.75 19.19 -16.86
N ALA A 410 11.25 18.49 -17.89
CA ALA A 410 12.67 18.50 -18.26
C ALA A 410 13.11 19.89 -18.67
N ALA A 411 12.33 20.52 -19.54
CA ALA A 411 12.59 21.87 -20.05
C ALA A 411 12.51 22.94 -18.96
N MET A 412 11.54 22.81 -18.05
CA MET A 412 11.35 23.75 -16.95
C MET A 412 12.52 23.74 -16.01
N ALA A 413 12.98 22.52 -15.69
CA ALA A 413 14.11 22.31 -14.78
C ALA A 413 15.41 22.84 -15.37
N LYS A 414 15.70 22.43 -16.61
CA LYS A 414 16.90 22.81 -17.36
C LYS A 414 17.11 24.33 -17.43
N ARG A 415 16.01 25.06 -17.61
CA ARG A 415 16.02 26.51 -17.69
C ARG A 415 16.41 27.18 -16.38
N VAL A 416 15.76 26.79 -15.27
CA VAL A 416 16.03 27.38 -13.95
C VAL A 416 17.44 27.02 -13.44
N LEU A 417 17.92 25.83 -13.81
CA LEU A 417 19.25 25.38 -13.42
C LEU A 417 20.35 26.15 -14.15
N HIS A 418 20.16 26.35 -15.45
CA HIS A 418 21.12 27.09 -16.28
C HIS A 418 21.23 28.55 -15.84
N LYS A 419 20.11 29.10 -15.37
CA LYS A 419 20.04 30.46 -14.85
C LYS A 419 21.03 30.70 -13.71
N TYR A 420 21.26 29.66 -12.92
CA TYR A 420 22.16 29.74 -11.78
C TYR A 420 23.49 29.06 -12.08
N GLY A 421 23.70 28.80 -13.37
CA GLY A 421 24.94 28.19 -13.83
C GLY A 421 25.18 26.76 -13.42
N LEU A 422 24.10 26.03 -13.17
CA LEU A 422 24.18 24.62 -12.80
C LEU A 422 23.69 23.73 -13.95
N ASP A 423 23.92 22.43 -13.84
CA ASP A 423 23.50 21.49 -14.88
C ASP A 423 22.21 20.70 -14.66
N TYR A 424 21.69 20.15 -15.75
CA TYR A 424 20.51 19.31 -15.70
C TYR A 424 21.08 17.91 -15.79
N VAL A 425 21.31 17.32 -14.61
CA VAL A 425 21.78 15.94 -14.49
C VAL A 425 20.60 15.28 -13.79
N ALA A 426 19.83 14.54 -14.59
CA ALA A 426 18.60 13.89 -14.14
C ALA A 426 18.28 12.54 -14.75
N GLU A 427 17.30 11.87 -14.13
CA GLU A 427 16.81 10.58 -14.57
C GLU A 427 15.37 10.40 -14.16
N PHE A 428 14.65 9.60 -14.94
CA PHE A 428 13.26 9.29 -14.67
C PHE A 428 13.22 7.87 -14.18
N ILE A 429 12.59 7.63 -13.03
CA ILE A 429 12.46 6.26 -12.52
C ILE A 429 10.99 5.91 -12.81
N VAL A 430 10.79 4.94 -13.68
CA VAL A 430 9.45 4.59 -14.12
C VAL A 430 8.68 3.42 -13.54
N ALA A 431 7.47 3.76 -13.15
CA ALA A 431 6.49 2.87 -12.57
C ALA A 431 5.42 2.78 -13.67
N PRO A 432 4.38 1.92 -13.50
CA PRO A 432 3.36 1.87 -14.56
C PRO A 432 2.71 3.21 -14.89
N ARG A 433 2.37 3.97 -13.86
CA ARG A 433 1.70 5.26 -14.03
C ARG A 433 2.44 6.52 -13.61
N ASP A 434 3.48 6.38 -12.79
CA ASP A 434 4.22 7.56 -12.32
C ASP A 434 5.71 7.54 -12.63
N MET A 435 6.27 8.74 -12.61
CA MET A 435 7.70 8.93 -12.78
C MET A 435 8.20 9.63 -11.54
N HIS A 436 9.36 9.19 -11.07
CA HIS A 436 10.05 9.88 -9.99
C HIS A 436 11.09 10.62 -10.84
N HIS A 437 10.83 11.88 -11.16
CA HIS A 437 11.78 12.69 -11.95
C HIS A 437 12.85 13.16 -10.95
N VAL A 438 13.96 12.45 -10.91
CA VAL A 438 15.04 12.75 -9.97
C VAL A 438 16.13 13.64 -10.59
N ILE A 439 16.24 14.86 -10.08
CA ILE A 439 17.25 15.81 -10.56
C ILE A 439 18.28 16.04 -9.45
N ASP A 440 19.56 15.90 -9.80
CA ASP A 440 20.64 16.14 -8.86
C ASP A 440 21.21 17.54 -9.09
N VAL A 441 20.86 18.47 -8.19
CA VAL A 441 21.40 19.82 -8.30
C VAL A 441 22.77 19.77 -7.59
N LEU A 442 23.78 19.64 -8.46
CA LEU A 442 25.18 19.52 -8.09
C LEU A 442 25.89 20.85 -8.14
N TYR A 443 26.69 21.11 -7.12
CA TYR A 443 27.44 22.36 -7.01
C TYR A 443 28.66 22.17 -6.10
N ASP A 444 29.53 23.17 -6.07
CA ASP A 444 30.74 23.16 -5.26
C ASP A 444 30.45 23.86 -3.92
N ARG A 445 30.44 23.06 -2.85
CA ARG A 445 30.13 23.58 -1.52
C ARG A 445 31.24 24.38 -0.84
N THR A 446 32.47 24.24 -1.34
CA THR A 446 33.63 24.97 -0.81
C THR A 446 33.72 26.40 -1.33
N ASN A 447 32.95 26.68 -2.39
CA ASN A 447 32.86 27.98 -3.06
C ASN A 447 31.61 28.64 -2.47
N PRO A 448 31.76 29.67 -1.58
CA PRO A 448 30.59 30.34 -0.97
C PRO A 448 29.58 31.04 -1.88
N GLU A 449 30.04 31.49 -3.05
CA GLU A 449 29.17 32.17 -4.02
C GLU A 449 28.26 31.14 -4.73
N GLU A 450 28.83 29.98 -5.07
CA GLU A 450 28.08 28.91 -5.74
C GLU A 450 27.07 28.22 -4.82
N THR A 451 27.31 28.25 -3.50
CA THR A 451 26.34 27.63 -2.57
C THR A 451 25.14 28.56 -2.40
N LYS A 452 25.41 29.86 -2.39
CA LYS A 452 24.37 30.89 -2.27
C LYS A 452 23.46 30.82 -3.52
N ARG A 453 24.06 30.50 -4.67
CA ARG A 453 23.35 30.35 -5.94
C ARG A 453 22.49 29.09 -5.93
N ALA A 454 23.07 28.00 -5.41
CA ALA A 454 22.41 26.68 -5.30
C ALA A 454 21.16 26.71 -4.44
N ASP A 455 21.22 27.49 -3.36
CA ASP A 455 20.12 27.65 -2.43
C ASP A 455 18.97 28.38 -3.12
N ALA A 456 19.34 29.41 -3.88
CA ALA A 456 18.38 30.21 -4.63
C ALA A 456 17.77 29.41 -5.74
N CYS A 457 18.59 28.56 -6.38
CA CYS A 457 18.16 27.69 -7.47
C CYS A 457 17.16 26.68 -7.00
N PHE A 458 17.37 26.13 -5.81
CA PHE A 458 16.47 25.14 -5.24
C PHE A 458 15.12 25.77 -4.90
N ASN A 459 15.14 27.02 -4.40
CA ASN A 459 13.92 27.75 -4.07
C ASN A 459 13.10 28.00 -5.32
N GLU A 460 13.78 28.44 -6.38
CA GLU A 460 13.13 28.74 -7.66
C GLU A 460 12.58 27.50 -8.35
N LEU A 461 13.26 26.37 -8.17
CA LEU A 461 12.86 25.08 -8.73
C LEU A 461 11.51 24.67 -8.09
N LEU A 462 11.40 24.91 -6.78
CA LEU A 462 10.17 24.59 -6.05
C LEU A 462 9.06 25.56 -6.41
N ASP A 463 9.41 26.84 -6.60
CA ASP A 463 8.41 27.86 -6.95
C ASP A 463 7.90 27.64 -8.35
N GLU A 464 8.79 27.36 -9.30
CA GLU A 464 8.42 27.11 -10.69
C GLU A 464 7.55 25.89 -10.89
N PHE A 465 7.88 24.82 -10.19
CA PHE A 465 7.13 23.57 -10.29
C PHE A 465 5.77 23.57 -9.59
N GLU A 466 5.67 24.28 -8.46
CA GLU A 466 4.42 24.38 -7.69
C GLU A 466 3.35 25.15 -8.48
N LYS A 467 3.83 26.13 -9.24
CA LYS A 467 3.02 27.00 -10.09
C LYS A 467 2.33 26.16 -11.20
N GLU A 468 3.04 25.17 -11.70
CA GLU A 468 2.51 24.27 -12.72
C GLU A 468 1.80 23.05 -12.14
N GLY A 469 1.57 23.08 -10.82
CA GLY A 469 0.88 22.00 -10.12
C GLY A 469 1.71 20.79 -9.72
N TYR A 470 3.04 20.93 -9.74
CA TYR A 470 3.92 19.84 -9.38
C TYR A 470 4.57 20.03 -8.01
N ALA A 471 4.72 18.94 -7.26
CA ALA A 471 5.36 18.97 -5.95
C ALA A 471 6.32 17.79 -5.88
N VAL A 472 7.21 17.84 -4.90
CA VAL A 472 8.21 16.78 -4.71
C VAL A 472 7.71 15.68 -3.75
N TYR A 473 8.27 14.47 -3.88
CA TYR A 473 7.87 13.33 -3.06
C TYR A 473 8.68 13.15 -1.77
N ARG A 474 9.82 13.83 -1.73
CA ARG A 474 10.78 13.75 -0.62
C ARG A 474 11.71 14.96 -0.82
N VAL A 475 12.19 15.53 0.28
CA VAL A 475 13.08 16.69 0.20
C VAL A 475 14.03 16.72 1.41
N ASN A 476 15.08 17.55 1.30
CA ASN A 476 16.04 17.72 2.38
C ASN A 476 15.48 18.46 3.59
N THR A 477 16.16 18.29 4.72
CA THR A 477 15.80 18.87 6.00
C THR A 477 15.62 20.38 5.99
N ARG A 478 16.41 21.08 5.17
CA ARG A 478 16.34 22.53 5.05
C ARG A 478 15.06 23.01 4.34
N PHE A 479 14.52 22.18 3.44
CA PHE A 479 13.30 22.54 2.71
C PHE A 479 12.03 21.76 3.08
N GLN A 480 12.08 21.02 4.19
CA GLN A 480 10.93 20.22 4.59
C GLN A 480 9.65 20.99 4.91
N ASP A 481 9.79 22.16 5.53
CA ASP A 481 8.65 22.99 5.88
C ASP A 481 8.10 23.66 4.60
N ARG A 482 9.02 24.05 3.71
CA ARG A 482 8.68 24.70 2.44
C ARG A 482 7.80 23.78 1.57
N VAL A 483 8.20 22.52 1.45
CA VAL A 483 7.46 21.55 0.66
C VAL A 483 6.11 21.19 1.28
N ALA A 484 6.00 21.26 2.60
CA ALA A 484 4.76 20.98 3.32
C ALA A 484 3.68 21.96 2.86
N GLN A 485 4.10 23.16 2.48
CA GLN A 485 3.22 24.24 2.00
C GLN A 485 2.59 23.95 0.64
N SER A 486 3.28 23.14 -0.17
CA SER A 486 2.80 22.79 -1.52
C SER A 486 1.54 21.95 -1.47
N TYR A 487 1.33 21.27 -0.34
CA TYR A 487 0.20 20.38 -0.15
C TYR A 487 -1.02 20.94 0.56
N GLY A 488 -1.06 22.27 0.72
CA GLY A 488 -2.21 22.93 1.31
C GLY A 488 -2.34 23.00 2.83
N PRO A 489 -3.14 23.95 3.37
CA PRO A 489 -3.34 24.13 4.82
C PRO A 489 -4.11 23.03 5.57
N VAL A 490 -5.17 22.48 4.95
CA VAL A 490 -5.98 21.43 5.57
C VAL A 490 -5.15 20.18 5.97
N LYS A 491 -4.21 19.80 5.09
CA LYS A 491 -3.32 18.67 5.33
C LYS A 491 -2.44 18.91 6.54
N ARG A 492 -1.83 20.10 6.61
CA ARG A 492 -0.96 20.49 7.72
C ARG A 492 -1.72 20.56 9.03
N LYS A 493 -2.96 21.02 8.93
CA LYS A 493 -3.86 21.15 10.07
C LYS A 493 -4.15 19.75 10.66
N LEU A 494 -4.46 18.79 9.78
CA LEU A 494 -4.74 17.40 10.18
C LEU A 494 -3.50 16.74 10.80
N GLU A 495 -2.34 17.03 10.22
CA GLU A 495 -1.08 16.47 10.68
C GLU A 495 -0.64 16.98 12.03
N HIS A 496 -1.04 18.20 12.36
CA HIS A 496 -0.71 18.79 13.66
C HIS A 496 -1.70 18.34 14.75
N ALA A 497 -2.91 17.97 14.33
CA ALA A 497 -3.94 17.47 15.24
C ALA A 497 -3.53 16.08 15.75
N ILE A 498 -3.06 15.24 14.83
CA ILE A 498 -2.58 13.88 15.12
C ILE A 498 -1.29 13.97 15.97
N LYS A 499 -0.46 14.98 15.68
CA LYS A 499 0.81 15.21 16.39
C LYS A 499 0.61 15.58 17.85
N ARG A 500 -0.41 16.40 18.12
CA ARG A 500 -0.76 16.84 19.47
C ARG A 500 -1.24 15.63 20.27
N ALA A 501 -1.92 14.72 19.58
CA ALA A 501 -2.47 13.48 20.15
C ALA A 501 -1.46 12.38 20.47
N VAL A 502 -0.40 12.27 19.69
CA VAL A 502 0.57 11.21 19.91
C VAL A 502 1.90 11.67 20.50
N ASP A 503 2.14 12.98 20.42
CA ASP A 503 3.37 13.59 20.93
C ASP A 503 3.01 14.98 21.49
N PRO A 504 2.23 15.06 22.62
CA PRO A 504 1.86 16.37 23.19
C PRO A 504 3.03 17.27 23.61
N ASN A 505 4.13 16.65 24.07
CA ASN A 505 5.33 17.38 24.49
C ASN A 505 6.29 17.79 23.36
N ASN A 506 5.92 17.48 22.10
CA ASN A 506 6.68 17.82 20.88
C ASN A 506 8.13 17.32 20.84
N ILE A 507 8.37 16.12 21.39
CA ILE A 507 9.72 15.57 21.44
C ILE A 507 10.22 14.75 20.24
N LEU A 508 9.31 14.16 19.48
CA LEU A 508 9.71 13.35 18.33
C LEU A 508 9.94 14.20 17.12
N ALA A 509 11.22 14.39 16.79
CA ALA A 509 11.74 15.14 15.64
C ALA A 509 10.90 16.31 15.10
N PRO A 510 10.66 17.37 15.93
CA PRO A 510 9.86 18.51 15.44
C PRO A 510 10.48 19.17 14.23
N GLY A 511 9.66 19.36 13.20
CA GLY A 511 10.12 19.96 11.96
C GLY A 511 10.16 18.95 10.82
N ARG A 512 10.14 17.64 11.16
CA ARG A 512 10.14 16.57 10.17
C ARG A 512 8.88 16.69 9.33
N SER A 513 9.06 16.81 8.00
CA SER A 513 7.97 16.98 7.02
C SER A 513 7.07 18.19 7.31
N GLY A 514 7.66 19.13 8.05
CA GLY A 514 6.96 20.35 8.42
C GLY A 514 5.97 20.20 9.54
N ILE A 515 6.12 19.14 10.34
CA ILE A 515 5.23 18.87 11.48
C ILE A 515 5.97 19.27 12.76
N ASP A 516 5.46 20.32 13.41
CA ASP A 516 6.04 20.89 14.64
C ASP A 516 4.91 21.56 15.39
N LEU A 517 4.78 21.27 16.69
CA LEU A 517 3.72 21.89 17.49
C LEU A 517 3.88 23.41 17.76
N ASN A 518 5.08 23.93 17.47
CA ASN A 518 5.40 25.35 17.60
C ASN A 518 4.88 26.15 16.39
N ASN A 519 4.17 25.48 15.49
CA ASN A 519 3.58 26.11 14.30
C ASN A 519 2.14 26.45 14.67
N ASP A 520 1.50 27.33 13.90
CA ASP A 520 0.12 27.72 14.19
C ASP A 520 -0.88 26.97 13.31
N PHE A 521 -1.12 25.71 13.68
CA PHE A 521 -2.04 24.81 12.97
C PHE A 521 -2.93 24.01 13.92
N SER B 2 36.77 -7.81 16.46
CA SER B 2 36.19 -6.47 16.78
C SER B 2 34.81 -6.29 16.10
N GLN B 3 34.50 -5.04 15.74
CA GLN B 3 33.23 -4.67 15.08
C GLN B 3 33.19 -5.17 13.65
N TRP B 4 34.33 -5.09 12.96
CA TRP B 4 34.45 -5.56 11.57
C TRP B 4 35.36 -6.79 11.45
N GLY B 5 35.92 -7.21 12.60
CA GLY B 5 36.80 -8.36 12.66
C GLY B 5 38.24 -8.07 12.32
N SER B 6 38.43 -7.67 11.06
CA SER B 6 39.74 -7.32 10.52
C SER B 6 39.60 -6.06 9.65
N GLY B 7 40.75 -5.49 9.27
CA GLY B 7 40.78 -4.31 8.42
C GLY B 7 40.50 -4.65 6.97
N LYS B 8 40.81 -5.89 6.57
CA LYS B 8 40.55 -6.35 5.22
C LYS B 8 39.04 -6.43 5.01
N ASN B 9 38.34 -6.82 6.08
CA ASN B 9 36.90 -6.95 6.04
C ASN B 9 36.20 -5.58 5.95
N LEU B 10 36.71 -4.60 6.68
CA LEU B 10 36.15 -3.24 6.62
C LEU B 10 36.33 -2.69 5.22
N TYR B 11 37.51 -2.89 4.66
CA TYR B 11 37.83 -2.43 3.33
C TYR B 11 36.96 -3.09 2.24
N ASP B 12 36.70 -4.40 2.37
CA ASP B 12 35.89 -5.12 1.40
C ASP B 12 34.41 -4.78 1.47
N LYS B 13 33.89 -4.65 2.68
CA LYS B 13 32.48 -4.37 2.90
C LYS B 13 32.05 -2.90 2.79
N VAL B 14 32.94 -1.96 3.09
CA VAL B 14 32.58 -0.53 3.04
C VAL B 14 33.44 0.33 2.13
N CYS B 15 34.69 0.59 2.55
CA CYS B 15 35.61 1.47 1.83
C CYS B 15 35.90 1.12 0.38
N GLY B 16 36.19 -0.14 0.12
CA GLY B 16 36.52 -0.60 -1.21
C GLY B 16 35.46 -0.44 -2.28
N HIS B 17 34.21 -0.23 -1.87
CA HIS B 17 33.09 -0.05 -2.80
C HIS B 17 33.25 1.25 -3.59
N CYS B 18 34.05 2.14 -3.05
CA CYS B 18 34.34 3.43 -3.65
C CYS B 18 35.84 3.58 -4.01
N HIS B 19 36.71 3.01 -3.17
CA HIS B 19 38.15 3.12 -3.30
C HIS B 19 38.97 2.13 -4.11
N LYS B 20 38.43 0.95 -4.40
CA LYS B 20 39.15 -0.06 -5.18
C LYS B 20 39.48 0.46 -6.58
N PRO B 21 40.65 0.10 -7.17
CA PRO B 21 41.06 0.58 -8.51
C PRO B 21 40.06 0.44 -9.66
N GLU B 22 39.30 -0.65 -9.66
CA GLU B 22 38.30 -0.93 -10.70
C GLU B 22 37.10 0.01 -10.59
N VAL B 23 36.86 0.54 -9.40
CA VAL B 23 35.74 1.46 -9.16
C VAL B 23 36.13 2.90 -9.49
N GLY B 24 37.02 3.48 -8.68
CA GLY B 24 37.48 4.83 -8.94
C GLY B 24 36.60 6.02 -8.60
N VAL B 25 35.75 5.88 -7.58
CA VAL B 25 34.88 6.98 -7.12
C VAL B 25 35.79 7.85 -6.24
N GLY B 26 36.67 7.17 -5.50
CA GLY B 26 37.63 7.83 -4.65
C GLY B 26 39.04 7.41 -5.06
N PRO B 27 40.08 8.12 -4.62
CA PRO B 27 41.47 7.77 -4.97
C PRO B 27 41.94 6.46 -4.34
N VAL B 28 42.91 5.81 -5.01
CA VAL B 28 43.50 4.56 -4.55
C VAL B 28 44.18 4.79 -3.19
N LEU B 29 43.89 3.93 -2.21
CA LEU B 29 44.49 4.06 -0.88
C LEU B 29 45.46 2.91 -0.60
N GLU B 30 45.46 1.92 -1.49
CA GLU B 30 46.30 0.73 -1.39
C GLU B 30 47.79 0.98 -1.59
N GLY B 31 48.58 0.71 -0.56
CA GLY B 31 50.02 0.89 -0.60
C GLY B 31 50.52 2.32 -0.78
N ARG B 32 49.80 3.27 -0.19
CA ARG B 32 50.16 4.67 -0.28
C ARG B 32 50.81 5.21 1.00
N GLY B 33 50.87 4.34 2.01
CA GLY B 33 51.46 4.70 3.29
C GLY B 33 50.80 5.84 4.04
N LEU B 34 49.48 5.92 3.95
CA LEU B 34 48.71 6.97 4.60
C LEU B 34 48.64 6.76 6.13
N PRO B 35 49.01 7.80 6.91
CA PRO B 35 49.00 7.75 8.38
C PRO B 35 47.62 7.44 8.99
N GLU B 36 47.63 6.61 10.02
CA GLU B 36 46.42 6.22 10.77
C GLU B 36 45.65 7.43 11.30
N ALA B 37 46.39 8.47 11.70
CA ALA B 37 45.79 9.69 12.24
C ALA B 37 45.07 10.51 11.18
N TYR B 38 45.53 10.38 9.93
CA TYR B 38 44.94 11.07 8.80
C TYR B 38 43.67 10.36 8.34
N ILE B 39 43.71 9.03 8.24
CA ILE B 39 42.57 8.20 7.85
C ILE B 39 41.43 8.36 8.87
N LYS B 40 41.81 8.50 10.14
CA LYS B 40 40.88 8.72 11.25
C LYS B 40 40.20 10.09 11.11
N ASP B 41 40.90 11.08 10.56
CA ASP B 41 40.37 12.43 10.38
C ASP B 41 39.39 12.56 9.22
N ILE B 42 39.70 11.88 8.12
CA ILE B 42 38.87 11.89 6.93
C ILE B 42 37.58 11.12 7.14
N VAL B 43 37.64 9.98 7.84
CA VAL B 43 36.44 9.17 8.09
C VAL B 43 35.53 9.83 9.12
N ARG B 44 36.10 10.48 10.12
CA ARG B 44 35.28 11.14 11.13
C ARG B 44 34.75 12.49 10.66
N ASN B 45 35.50 13.24 9.85
CA ASN B 45 35.02 14.55 9.39
C ASN B 45 34.36 14.48 8.04
N GLY B 46 34.82 13.56 7.20
CA GLY B 46 34.32 13.42 5.85
C GLY B 46 35.12 14.43 5.03
N PHE B 47 35.34 14.14 3.75
CA PHE B 47 36.08 15.09 2.94
C PHE B 47 35.39 15.37 1.61
N ARG B 48 34.78 16.55 1.53
CA ARG B 48 34.06 17.05 0.36
C ARG B 48 33.02 16.04 -0.14
N ALA B 49 33.35 15.31 -1.21
CA ALA B 49 32.49 14.30 -1.83
C ALA B 49 32.33 13.05 -0.97
N MET B 50 33.32 12.82 -0.11
CA MET B 50 33.31 11.68 0.81
C MET B 50 32.42 11.88 2.05
N PRO B 51 31.58 10.87 2.35
CA PRO B 51 30.73 11.00 3.54
C PRO B 51 31.53 10.71 4.83
N ALA B 52 30.95 11.07 5.97
CA ALA B 52 31.57 10.82 7.26
C ALA B 52 30.84 9.64 7.88
N PHE B 53 31.57 8.78 8.59
CA PHE B 53 30.97 7.63 9.24
C PHE B 53 31.15 7.77 10.74
N PRO B 54 30.05 7.66 11.51
CA PRO B 54 30.15 7.77 12.98
C PRO B 54 30.81 6.52 13.58
N ALA B 55 31.23 6.62 14.85
CA ALA B 55 31.88 5.51 15.55
C ALA B 55 30.99 4.26 15.62
N SER B 56 29.67 4.50 15.68
CA SER B 56 28.67 3.44 15.73
C SER B 56 28.64 2.60 14.45
N TYR B 57 29.11 3.18 13.35
CA TYR B 57 29.17 2.50 12.08
C TYR B 57 30.53 1.86 11.92
N VAL B 58 31.59 2.66 12.06
CA VAL B 58 32.99 2.21 11.95
C VAL B 58 33.72 2.77 13.17
N ASP B 59 34.07 1.90 14.14
CA ASP B 59 34.78 2.33 15.36
C ASP B 59 36.30 2.59 15.24
N ASP B 60 36.87 3.26 16.26
CA ASP B 60 38.30 3.61 16.32
C ASP B 60 39.24 2.42 16.09
N GLU B 61 38.90 1.29 16.69
CA GLU B 61 39.68 0.07 16.58
C GLU B 61 39.72 -0.45 15.14
N SER B 62 38.61 -0.29 14.42
CA SER B 62 38.47 -0.73 13.03
C SER B 62 39.22 0.17 12.05
N LEU B 63 39.34 1.44 12.44
CA LEU B 63 40.06 2.43 11.63
C LEU B 63 41.56 2.13 11.68
N THR B 64 42.03 1.69 12.86
CA THR B 64 43.43 1.33 13.11
C THR B 64 43.79 0.12 12.26
N GLN B 65 42.89 -0.85 12.23
CA GLN B 65 43.08 -2.06 11.45
C GLN B 65 43.10 -1.82 9.95
N VAL B 66 42.23 -0.92 9.45
CA VAL B 66 42.18 -0.63 8.00
C VAL B 66 43.39 0.18 7.52
N ALA B 67 43.91 1.04 8.41
CA ALA B 67 45.08 1.87 8.12
C ALA B 67 46.30 0.97 7.95
N GLU B 68 46.39 -0.01 8.85
CA GLU B 68 47.45 -1.01 8.88
C GLU B 68 47.36 -1.96 7.67
N TYR B 69 46.14 -2.33 7.28
CA TYR B 69 45.93 -3.21 6.14
C TYR B 69 46.32 -2.52 4.82
N LEU B 70 46.02 -1.23 4.72
CA LEU B 70 46.30 -0.44 3.52
C LEU B 70 47.78 -0.21 3.27
N SER B 71 48.54 -0.05 4.36
CA SER B 71 50.00 0.17 4.31
C SER B 71 50.77 -1.08 3.88
N SER B 72 50.24 -2.24 4.26
CA SER B 72 50.86 -3.54 3.97
C SER B 72 50.71 -4.11 2.54
N LEU B 73 49.85 -3.48 1.73
CA LEU B 73 49.59 -3.90 0.36
C LEU B 73 50.51 -3.22 -0.67
N PRO B 74 50.71 -3.86 -1.87
CA PRO B 74 51.56 -3.22 -2.88
C PRO B 74 50.81 -2.10 -3.64
N ALA B 75 51.55 -1.09 -4.10
CA ALA B 75 50.97 0.04 -4.85
C ALA B 75 50.56 -0.36 -6.28
N ALA C 7 -39.87 6.81 17.76
CA ALA C 7 -39.73 5.81 18.87
C ALA C 7 -38.25 5.58 19.20
N VAL C 8 -37.48 5.25 18.15
CA VAL C 8 -36.05 4.98 18.24
C VAL C 8 -35.24 6.29 18.12
N LEU C 9 -34.47 6.59 19.16
CA LEU C 9 -33.64 7.79 19.28
C LEU C 9 -32.16 7.41 19.44
N PRO C 10 -31.22 8.34 19.11
CA PRO C 10 -29.78 8.07 19.27
C PRO C 10 -29.39 7.96 20.74
N LYS C 11 -28.41 7.12 21.03
CA LYS C 11 -27.91 6.90 22.40
C LYS C 11 -27.42 8.22 23.00
N GLY C 12 -28.07 8.62 24.10
CA GLY C 12 -27.70 9.85 24.80
C GLY C 12 -28.38 11.13 24.32
N VAL C 13 -29.07 11.07 23.19
CA VAL C 13 -29.76 12.23 22.63
C VAL C 13 -31.25 12.17 22.96
N THR C 14 -31.77 13.30 23.44
CA THR C 14 -33.19 13.46 23.83
C THR C 14 -34.07 13.80 22.63
N GLN C 15 -35.37 13.49 22.75
CA GLN C 15 -36.36 13.72 21.68
C GLN C 15 -36.38 15.17 21.16
N GLY C 16 -36.05 16.11 22.05
CA GLY C 16 -36.02 17.53 21.72
C GLY C 16 -34.85 17.94 20.85
N GLU C 17 -33.64 17.51 21.23
CA GLU C 17 -32.40 17.80 20.50
C GLU C 17 -32.40 17.13 19.13
N PHE C 18 -33.01 15.94 19.08
CA PHE C 18 -33.13 15.18 17.85
C PHE C 18 -34.07 15.89 16.86
N ASN C 19 -35.13 16.52 17.40
CA ASN C 19 -36.11 17.25 16.58
C ASN C 19 -35.55 18.52 15.96
N LYS C 20 -34.64 19.18 16.68
CA LYS C 20 -34.00 20.41 16.19
C LYS C 20 -33.05 20.03 15.06
N ALA C 21 -32.44 18.85 15.21
CA ALA C 21 -31.50 18.28 14.22
C ALA C 21 -32.20 17.92 12.92
N VAL C 22 -33.36 17.24 13.05
CA VAL C 22 -34.16 16.83 11.89
C VAL C 22 -34.71 18.06 11.17
N GLN C 23 -34.97 19.11 11.94
CA GLN C 23 -35.48 20.37 11.40
C GLN C 23 -34.41 21.05 10.54
N LYS C 24 -33.17 21.00 11.04
CA LYS C 24 -32.00 21.57 10.36
C LYS C 24 -31.60 20.72 9.15
N PHE C 25 -31.79 19.40 9.24
CA PHE C 25 -31.49 18.48 8.14
C PHE C 25 -32.42 18.83 6.96
N ARG C 26 -33.72 19.01 7.28
CA ARG C 26 -34.75 19.34 6.29
C ARG C 26 -34.49 20.66 5.57
N ALA C 27 -34.12 21.68 6.34
CA ALA C 27 -33.82 23.02 5.84
C ALA C 27 -32.61 23.06 4.89
N LEU C 28 -31.65 22.17 5.16
CA LEU C 28 -30.41 22.05 4.40
C LEU C 28 -30.56 21.15 3.15
N LEU C 29 -31.20 20.00 3.32
CA LEU C 29 -31.34 19.02 2.23
C LEU C 29 -32.64 18.96 1.43
N GLY C 30 -33.74 19.35 2.06
CA GLY C 30 -35.04 19.28 1.43
C GLY C 30 -35.83 18.24 2.20
N ASP C 31 -37.13 18.15 1.97
CA ASP C 31 -37.96 17.18 2.69
C ASP C 31 -37.89 15.73 2.23
N ASP C 32 -37.70 15.52 0.93
CA ASP C 32 -37.60 14.18 0.37
C ASP C 32 -36.23 13.51 0.58
N ASN C 33 -35.27 14.27 1.11
CA ASN C 33 -33.93 13.76 1.41
C ASN C 33 -33.72 13.40 2.89
N VAL C 34 -34.75 13.60 3.73
CA VAL C 34 -34.71 13.28 5.16
C VAL C 34 -35.81 12.26 5.41
N LEU C 35 -35.41 11.08 5.87
CA LEU C 35 -36.31 9.96 6.12
C LEU C 35 -36.42 9.65 7.63
N VAL C 36 -37.61 9.90 8.20
CA VAL C 36 -37.86 9.65 9.64
C VAL C 36 -38.99 8.68 9.94
N GLU C 37 -39.78 8.37 8.90
CA GLU C 37 -40.90 7.44 9.02
C GLU C 37 -40.40 6.01 8.94
N SER C 38 -40.87 5.16 9.86
CA SER C 38 -40.48 3.76 9.95
C SER C 38 -40.67 2.89 8.70
N ASP C 39 -41.57 3.26 7.80
CA ASP C 39 -41.77 2.45 6.59
C ASP C 39 -40.69 2.75 5.53
N GLN C 40 -39.99 3.88 5.71
CA GLN C 40 -38.92 4.34 4.82
C GLN C 40 -37.57 3.82 5.34
N LEU C 41 -37.52 3.60 6.65
CA LEU C 41 -36.35 3.12 7.36
C LEU C 41 -36.17 1.61 7.32
N VAL C 42 -37.26 0.89 7.07
CA VAL C 42 -37.28 -0.57 7.01
C VAL C 42 -36.25 -1.26 6.08
N PRO C 43 -35.99 -0.72 4.85
CA PRO C 43 -35.00 -1.41 4.02
C PRO C 43 -33.53 -1.31 4.45
N TYR C 44 -33.25 -0.39 5.36
CA TYR C 44 -31.91 -0.20 5.90
C TYR C 44 -31.66 -1.16 7.07
N ASN C 45 -32.74 -1.63 7.67
CA ASN C 45 -32.69 -2.54 8.81
C ASN C 45 -32.42 -4.01 8.52
N LYS C 46 -32.58 -4.46 7.28
CA LYS C 46 -32.35 -5.88 7.00
C LYS C 46 -30.92 -6.40 7.21
N ILE C 47 -30.80 -7.29 8.19
CA ILE C 47 -29.54 -7.89 8.59
C ILE C 47 -29.60 -9.41 8.52
N MET C 48 -28.44 -10.04 8.34
CA MET C 48 -28.33 -11.51 8.26
C MET C 48 -27.58 -12.00 9.50
N MET C 49 -27.47 -11.13 10.50
CA MET C 49 -26.81 -11.40 11.78
C MET C 49 -27.79 -12.06 12.79
N PRO C 50 -27.26 -12.89 13.72
CA PRO C 50 -28.09 -13.58 14.71
C PRO C 50 -28.55 -12.72 15.90
N VAL C 51 -29.26 -11.65 15.57
CA VAL C 51 -29.78 -10.73 16.56
C VAL C 51 -31.02 -10.09 15.92
N GLU C 52 -31.91 -9.52 16.74
CA GLU C 52 -33.13 -8.88 16.21
C GLU C 52 -32.80 -7.52 15.61
N ASN C 53 -33.63 -7.12 14.65
CA ASN C 53 -33.49 -5.86 13.93
C ASN C 53 -33.36 -4.62 14.82
N ALA C 54 -34.04 -4.64 15.96
CA ALA C 54 -34.06 -3.54 16.93
C ALA C 54 -32.70 -3.10 17.42
N ALA C 55 -31.79 -4.07 17.50
CA ALA C 55 -30.43 -3.83 18.00
C ALA C 55 -29.55 -3.01 17.04
N HIS C 56 -29.99 -2.92 15.79
CA HIS C 56 -29.27 -2.19 14.74
C HIS C 56 -30.20 -1.29 13.91
N ALA C 57 -31.29 -0.85 14.55
CA ALA C 57 -32.28 0.00 13.90
C ALA C 57 -31.88 1.48 13.91
N PRO C 58 -31.97 2.16 12.75
CA PRO C 58 -31.62 3.58 12.69
C PRO C 58 -32.73 4.51 13.21
N SER C 59 -32.35 5.74 13.56
CA SER C 59 -33.31 6.72 14.04
C SER C 59 -33.81 7.56 12.86
N ALA C 60 -32.96 7.71 11.85
CA ALA C 60 -33.26 8.50 10.65
C ALA C 60 -32.28 8.15 9.54
N ALA C 61 -32.54 8.68 8.34
CA ALA C 61 -31.69 8.46 7.18
C ALA C 61 -31.71 9.71 6.31
N VAL C 62 -30.53 10.26 6.02
CA VAL C 62 -30.41 11.45 5.18
C VAL C 62 -29.61 11.14 3.92
N THR C 63 -30.07 11.65 2.79
CA THR C 63 -29.39 11.43 1.51
C THR C 63 -28.78 12.70 0.91
N ALA C 64 -27.46 12.80 0.99
CA ALA C 64 -26.71 13.93 0.45
C ALA C 64 -26.30 13.63 -0.99
N THR C 65 -26.12 14.68 -1.81
CA THR C 65 -25.72 14.55 -3.20
C THR C 65 -24.45 15.30 -3.57
N THR C 66 -24.07 16.27 -2.72
CA THR C 66 -22.87 17.10 -2.94
C THR C 66 -22.02 17.15 -1.68
N VAL C 67 -20.73 17.50 -1.83
CA VAL C 67 -19.78 17.62 -0.72
C VAL C 67 -20.20 18.70 0.29
N GLU C 68 -20.83 19.77 -0.24
CA GLU C 68 -21.31 20.92 0.56
C GLU C 68 -22.40 20.48 1.54
N GLN C 69 -23.19 19.50 1.11
CA GLN C 69 -24.26 18.93 1.92
C GLN C 69 -23.73 18.02 3.03
N VAL C 70 -22.66 17.26 2.73
CA VAL C 70 -22.02 16.34 3.69
C VAL C 70 -21.41 17.20 4.80
N GLN C 71 -20.78 18.29 4.38
CA GLN C 71 -20.18 19.28 5.29
C GLN C 71 -21.26 19.89 6.18
N GLY C 72 -22.46 20.04 5.59
CA GLY C 72 -23.63 20.59 6.28
C GLY C 72 -24.15 19.64 7.33
N VAL C 73 -24.37 18.38 6.94
CA VAL C 73 -24.86 17.30 7.81
C VAL C 73 -23.93 17.10 9.04
N VAL C 74 -22.63 17.26 8.81
CA VAL C 74 -21.62 17.11 9.85
C VAL C 74 -21.64 18.29 10.83
N LYS C 75 -21.94 19.50 10.33
CA LYS C 75 -21.99 20.71 11.17
C LYS C 75 -23.18 20.61 12.13
N ILE C 76 -24.31 20.12 11.60
CA ILE C 76 -25.53 19.92 12.37
C ILE C 76 -25.33 18.81 13.40
N CYS C 77 -24.63 17.75 13.01
CA CYS C 77 -24.35 16.60 13.89
C CYS C 77 -23.46 16.93 15.08
N ASN C 78 -22.56 17.89 14.88
CA ASN C 78 -21.65 18.34 15.94
C ASN C 78 -22.39 19.20 16.97
N GLU C 79 -23.40 19.94 16.50
CA GLU C 79 -24.21 20.83 17.33
C GLU C 79 -25.08 20.08 18.32
N HIS C 80 -25.79 19.07 17.80
CA HIS C 80 -26.71 18.28 18.61
C HIS C 80 -26.23 16.90 19.04
N LYS C 81 -24.92 16.69 18.93
CA LYS C 81 -24.21 15.43 19.29
C LYS C 81 -24.87 14.19 18.68
N ILE C 82 -25.22 14.28 17.40
CA ILE C 82 -25.87 13.19 16.65
C ILE C 82 -24.85 12.25 15.97
N PRO C 83 -24.88 10.94 16.29
CA PRO C 83 -23.97 9.97 15.66
C PRO C 83 -24.42 9.50 14.27
N ILE C 84 -23.57 9.70 13.27
CA ILE C 84 -23.88 9.27 11.89
C ILE C 84 -23.15 8.00 11.43
N TRP C 85 -23.87 7.15 10.70
CA TRP C 85 -23.31 5.92 10.14
C TRP C 85 -23.31 6.07 8.63
N THR C 86 -22.14 6.23 8.02
CA THR C 86 -22.05 6.38 6.57
C THR C 86 -22.00 5.08 5.77
N ILE C 87 -22.83 5.02 4.73
CA ILE C 87 -22.87 3.89 3.81
C ILE C 87 -22.77 4.47 2.37
N SER C 88 -22.20 3.69 1.44
CA SER C 88 -22.05 4.14 0.05
C SER C 88 -23.09 3.44 -0.78
N THR C 89 -22.88 2.16 -1.04
CA THR C 89 -23.84 1.37 -1.81
C THR C 89 -24.60 0.45 -0.84
N GLY C 90 -24.08 0.36 0.39
CA GLY C 90 -24.65 -0.42 1.48
C GLY C 90 -25.00 -1.88 1.28
N ARG C 91 -24.22 -2.58 0.46
CA ARG C 91 -24.50 -3.97 0.17
C ARG C 91 -23.58 -4.92 0.94
N ASN C 92 -23.23 -4.53 2.17
CA ASN C 92 -22.32 -5.30 3.03
C ASN C 92 -22.90 -6.54 3.73
N PHE C 93 -23.49 -7.44 2.93
CA PHE C 93 -24.13 -8.65 3.42
C PHE C 93 -23.17 -9.56 4.13
N GLY C 94 -23.57 -9.98 5.33
CA GLY C 94 -22.74 -10.83 6.18
C GLY C 94 -21.75 -9.98 6.97
N TYR C 95 -21.78 -8.67 6.77
CA TYR C 95 -20.90 -7.76 7.49
C TYR C 95 -21.62 -6.59 8.22
N GLY C 96 -22.96 -6.67 8.29
CA GLY C 96 -23.75 -5.63 8.94
C GLY C 96 -24.76 -4.97 8.00
N SER C 97 -24.65 -5.27 6.70
CA SER C 97 -25.48 -4.71 5.63
C SER C 97 -25.48 -3.19 5.56
N ALA C 98 -26.64 -2.57 5.66
CA ALA C 98 -26.75 -1.12 5.61
C ALA C 98 -27.05 -0.56 6.98
N ALA C 99 -27.25 -1.43 7.96
CA ALA C 99 -27.61 -1.05 9.33
C ALA C 99 -26.41 -0.61 10.18
N PRO C 100 -26.64 0.37 11.09
CA PRO C 100 -25.57 0.89 12.00
C PRO C 100 -25.01 -0.08 13.05
N VAL C 101 -23.79 0.20 13.53
CA VAL C 101 -23.13 -0.64 14.55
C VAL C 101 -23.94 -0.64 15.81
N GLN C 102 -24.50 0.53 16.12
CA GLN C 102 -25.30 0.75 17.30
C GLN C 102 -26.70 1.24 16.95
N ARG C 103 -27.66 0.86 17.80
CA ARG C 103 -29.07 1.27 17.66
C ARG C 103 -29.23 2.81 17.74
N GLY C 104 -30.11 3.31 16.90
CA GLY C 104 -30.42 4.73 16.89
C GLY C 104 -29.51 5.68 16.16
N GLN C 105 -28.48 5.21 15.45
CA GLN C 105 -27.59 6.13 14.73
C GLN C 105 -28.30 6.60 13.45
N VAL C 106 -27.96 7.79 12.96
CA VAL C 106 -28.55 8.29 11.73
C VAL C 106 -27.69 7.80 10.57
N ILE C 107 -28.32 7.31 9.52
CA ILE C 107 -27.61 6.82 8.36
C ILE C 107 -27.41 7.92 7.34
N LEU C 108 -26.14 8.20 7.01
CA LEU C 108 -25.83 9.17 5.97
C LEU C 108 -25.69 8.28 4.73
N ASP C 109 -26.79 8.18 3.98
CA ASP C 109 -26.86 7.37 2.78
C ASP C 109 -26.41 8.16 1.55
N LEU C 110 -25.25 7.76 1.02
CA LEU C 110 -24.64 8.43 -0.12
C LEU C 110 -24.83 7.73 -1.45
N LYS C 111 -25.90 6.95 -1.59
CA LYS C 111 -26.15 6.24 -2.85
C LYS C 111 -26.46 7.19 -4.03
N LYS C 112 -27.08 8.33 -3.73
CA LYS C 112 -27.47 9.32 -4.73
C LYS C 112 -26.28 10.08 -5.35
N MET C 113 -25.13 10.04 -4.68
CA MET C 113 -23.85 10.65 -5.15
C MET C 113 -23.26 9.60 -6.09
N ASN C 114 -23.86 9.41 -7.27
CA ASN C 114 -23.41 8.38 -8.20
C ASN C 114 -22.71 8.85 -9.47
N LYS C 115 -21.89 9.88 -9.34
CA LYS C 115 -21.18 10.45 -10.49
C LYS C 115 -19.79 9.85 -10.76
N ILE C 116 -19.57 9.42 -12.00
CA ILE C 116 -18.27 8.89 -12.44
C ILE C 116 -17.55 10.16 -12.94
N ILE C 117 -16.57 10.61 -12.14
CA ILE C 117 -15.83 11.83 -12.44
C ILE C 117 -14.83 11.76 -13.58
N LYS C 118 -14.15 10.64 -13.70
CA LYS C 118 -13.13 10.47 -14.75
C LYS C 118 -12.69 9.02 -14.84
N ILE C 119 -12.50 8.55 -16.08
CA ILE C 119 -11.96 7.22 -16.33
C ILE C 119 -10.97 7.54 -17.44
N ASP C 120 -9.69 7.49 -17.11
CA ASP C 120 -8.62 7.78 -18.05
C ASP C 120 -8.19 6.46 -18.72
N PRO C 121 -8.47 6.28 -20.03
CA PRO C 121 -8.09 5.03 -20.70
C PRO C 121 -6.60 4.80 -21.00
N GLU C 122 -5.81 5.88 -21.04
CA GLU C 122 -4.36 5.80 -21.30
C GLU C 122 -3.56 5.51 -20.02
N MET C 123 -3.85 6.29 -18.98
CA MET C 123 -3.18 6.14 -17.68
C MET C 123 -3.80 5.05 -16.83
N CYS C 124 -4.95 4.52 -17.27
CA CYS C 124 -5.70 3.45 -16.61
C CYS C 124 -6.03 3.65 -15.14
N TYR C 125 -6.90 4.62 -14.88
CA TYR C 125 -7.39 4.93 -13.55
C TYR C 125 -8.84 5.40 -13.58
N ALA C 126 -9.47 5.45 -12.41
CA ALA C 126 -10.84 5.92 -12.27
C ALA C 126 -10.99 6.76 -11.00
N LEU C 127 -11.81 7.82 -11.08
CA LEU C 127 -12.12 8.67 -9.93
C LEU C 127 -13.64 8.67 -9.86
N VAL C 128 -14.19 8.11 -8.78
CA VAL C 128 -15.64 8.00 -8.61
C VAL C 128 -16.20 8.56 -7.28
N GLU C 129 -17.53 8.66 -7.24
CA GLU C 129 -18.25 9.16 -6.08
C GLU C 129 -18.78 7.90 -5.34
N PRO C 130 -19.12 7.99 -4.04
CA PRO C 130 -19.61 6.83 -3.28
C PRO C 130 -20.74 5.96 -3.82
N GLY C 131 -21.73 6.59 -4.45
CA GLY C 131 -22.86 5.86 -4.95
C GLY C 131 -22.70 5.13 -6.26
N VAL C 132 -21.52 5.20 -6.86
CA VAL C 132 -21.25 4.51 -8.14
C VAL C 132 -21.20 2.99 -7.94
N THR C 133 -21.94 2.24 -8.75
CA THR C 133 -21.90 0.80 -8.63
C THR C 133 -20.96 0.23 -9.68
N PHE C 134 -20.51 -1.01 -9.47
CA PHE C 134 -19.63 -1.68 -10.44
C PHE C 134 -20.38 -1.97 -11.74
N GLY C 135 -21.70 -2.11 -11.66
CA GLY C 135 -22.53 -2.34 -12.82
C GLY C 135 -22.60 -1.07 -13.64
N GLN C 136 -22.71 0.07 -12.96
CA GLN C 136 -22.75 1.40 -13.59
C GLN C 136 -21.43 1.64 -14.33
N MET C 137 -20.33 1.18 -13.74
CA MET C 137 -19.01 1.31 -14.35
C MET C 137 -18.84 0.38 -15.55
N TYR C 138 -19.37 -0.84 -15.45
CA TYR C 138 -19.30 -1.81 -16.52
C TYR C 138 -20.04 -1.29 -17.75
N ASP C 139 -21.20 -0.65 -17.52
CA ASP C 139 -22.01 -0.09 -18.61
C ASP C 139 -21.26 1.02 -19.33
N TYR C 140 -20.64 1.93 -18.57
CA TYR C 140 -19.86 3.05 -19.08
C TYR C 140 -18.65 2.54 -19.90
N ILE C 141 -18.03 1.47 -19.44
CA ILE C 141 -16.88 0.88 -20.12
C ILE C 141 -17.29 0.17 -21.42
N GLN C 142 -18.51 -0.38 -21.45
CA GLN C 142 -19.03 -1.07 -22.64
C GLN C 142 -19.53 -0.11 -23.70
N GLU C 143 -20.19 0.94 -23.25
CA GLU C 143 -20.76 1.99 -24.11
C GLU C 143 -19.65 2.78 -24.81
N ASN C 144 -18.65 3.20 -24.05
CA ASN C 144 -17.55 4.00 -24.58
C ASN C 144 -16.35 3.24 -25.13
N ASN C 145 -16.46 1.91 -25.19
CA ASN C 145 -15.43 1.01 -25.74
C ASN C 145 -14.00 1.21 -25.16
N LEU C 146 -13.94 1.51 -23.85
CA LEU C 146 -12.67 1.73 -23.14
C LEU C 146 -11.91 0.42 -22.93
N PRO C 147 -10.59 0.40 -23.20
CA PRO C 147 -9.80 -0.84 -23.02
C PRO C 147 -9.36 -1.17 -21.58
N VAL C 148 -10.23 -0.90 -20.61
CA VAL C 148 -9.95 -1.18 -19.21
C VAL C 148 -10.81 -2.32 -18.68
N MET C 149 -10.32 -2.96 -17.62
CA MET C 149 -10.97 -4.09 -16.96
C MET C 149 -11.20 -3.75 -15.50
N LEU C 150 -12.32 -4.20 -14.95
CA LEU C 150 -12.63 -3.94 -13.54
C LEU C 150 -12.31 -5.13 -12.67
N SER C 151 -12.18 -4.84 -11.37
CA SER C 151 -11.97 -5.87 -10.37
C SER C 151 -13.06 -5.61 -9.34
N PHE C 152 -13.77 -6.65 -8.97
CA PHE C 152 -14.83 -6.47 -7.99
C PHE C 152 -15.11 -7.66 -7.12
N SER C 153 -15.86 -7.37 -6.07
CA SER C 153 -16.32 -8.37 -5.13
C SER C 153 -17.43 -9.16 -5.86
N ALA C 154 -17.84 -10.34 -5.36
CA ALA C 154 -18.90 -11.12 -6.03
C ALA C 154 -20.28 -10.41 -6.21
N PRO C 155 -20.72 -9.53 -5.26
CA PRO C 155 -22.01 -8.85 -5.46
C PRO C 155 -21.93 -7.82 -6.60
N SER C 156 -20.74 -7.75 -7.19
CA SER C 156 -20.38 -6.92 -8.34
C SER C 156 -21.33 -5.82 -8.77
N ALA C 157 -22.29 -6.19 -9.65
CA ALA C 157 -23.29 -5.29 -10.22
C ALA C 157 -24.01 -4.37 -9.24
N ILE C 158 -24.33 -4.89 -8.07
CA ILE C 158 -25.04 -4.11 -7.07
C ILE C 158 -24.17 -3.37 -6.06
N ALA C 159 -22.90 -3.80 -5.93
CA ALA C 159 -21.95 -3.16 -5.01
C ALA C 159 -21.14 -2.07 -5.69
N GLY C 160 -20.28 -1.39 -4.93
CA GLY C 160 -19.48 -0.34 -5.51
C GLY C 160 -18.04 -0.27 -5.03
N PRO C 161 -17.14 0.43 -5.77
CA PRO C 161 -15.71 0.60 -5.46
C PRO C 161 -15.44 1.26 -4.11
N VAL C 162 -16.10 2.39 -3.81
CA VAL C 162 -15.87 3.12 -2.56
C VAL C 162 -16.19 2.36 -1.30
N GLY C 163 -17.36 1.71 -1.28
CA GLY C 163 -17.78 0.97 -0.11
C GLY C 163 -16.93 -0.25 0.18
N ASN C 164 -16.64 -1.02 -0.86
CA ASN C 164 -15.83 -2.23 -0.76
C ASN C 164 -14.39 -1.97 -0.31
N THR C 165 -13.79 -0.89 -0.83
CA THR C 165 -12.41 -0.51 -0.49
C THR C 165 -12.32 0.14 0.89
N MET C 166 -13.39 0.78 1.37
CA MET C 166 -13.37 1.36 2.71
C MET C 166 -13.32 0.22 3.73
N ASP C 167 -13.91 -0.93 3.36
CA ASP C 167 -13.91 -2.09 4.20
C ASP C 167 -12.78 -3.05 3.81
N ARG C 168 -11.92 -2.61 2.88
CA ARG C 168 -10.78 -3.39 2.35
C ARG C 168 -11.13 -4.77 1.77
N GLY C 169 -12.15 -4.79 0.92
CA GLY C 169 -12.59 -6.01 0.27
C GLY C 169 -11.67 -6.56 -0.80
N VAL C 170 -12.03 -7.75 -1.30
CA VAL C 170 -11.25 -8.48 -2.29
C VAL C 170 -11.96 -8.87 -3.58
N GLY C 171 -11.18 -8.85 -4.67
CA GLY C 171 -11.64 -9.19 -6.01
C GLY C 171 -10.91 -10.41 -6.51
N TYR C 172 -11.06 -10.72 -7.80
CA TYR C 172 -10.45 -11.91 -8.40
C TYR C 172 -9.54 -11.78 -9.61
N THR C 173 -9.28 -10.54 -10.05
CA THR C 173 -8.40 -10.24 -11.20
C THR C 173 -6.97 -9.95 -10.63
N PRO C 174 -5.95 -9.60 -11.47
CA PRO C 174 -4.63 -9.32 -10.82
C PRO C 174 -4.60 -8.11 -9.90
N TYR C 175 -5.64 -7.28 -10.00
CA TYR C 175 -5.82 -6.08 -9.19
C TYR C 175 -6.80 -6.43 -8.05
N GLY C 176 -6.75 -7.69 -7.62
CA GLY C 176 -7.63 -8.25 -6.61
C GLY C 176 -7.64 -7.68 -5.22
N GLU C 177 -6.47 -7.36 -4.67
CA GLU C 177 -6.39 -6.75 -3.35
C GLU C 177 -6.67 -5.27 -3.65
N HIS C 178 -7.96 -4.92 -3.58
CA HIS C 178 -8.47 -3.59 -3.88
C HIS C 178 -7.83 -2.37 -3.24
N PHE C 179 -7.48 -2.46 -1.96
CA PHE C 179 -6.85 -1.34 -1.27
C PHE C 179 -5.40 -1.08 -1.73
N MET C 180 -4.78 -2.11 -2.32
CA MET C 180 -3.41 -2.03 -2.84
C MET C 180 -3.42 -1.16 -4.10
N MET C 181 -4.53 -1.20 -4.83
CA MET C 181 -4.73 -0.46 -6.07
C MET C 181 -5.42 0.89 -5.95
N GLN C 182 -5.81 1.24 -4.73
CA GLN C 182 -6.44 2.51 -4.46
C GLN C 182 -5.37 3.61 -4.61
N CYS C 183 -5.78 4.77 -5.11
CA CYS C 183 -4.88 5.91 -5.28
C CYS C 183 -5.62 7.24 -5.19
N GLY C 184 -5.51 7.87 -4.04
CA GLY C 184 -6.16 9.16 -3.78
C GLY C 184 -7.61 9.09 -3.31
N MET C 185 -7.91 9.84 -2.25
CA MET C 185 -9.27 9.91 -1.75
C MET C 185 -9.54 11.26 -1.14
N GLU C 186 -10.79 11.66 -1.18
CA GLU C 186 -11.24 12.91 -0.57
C GLU C 186 -12.08 12.49 0.59
N VAL C 187 -11.80 13.11 1.72
CA VAL C 187 -12.49 12.80 2.96
C VAL C 187 -13.00 14.11 3.61
N VAL C 188 -14.25 14.09 4.09
CA VAL C 188 -14.82 15.24 4.81
C VAL C 188 -14.59 14.87 6.27
N LEU C 189 -13.82 15.70 6.98
CA LEU C 189 -13.50 15.47 8.39
C LEU C 189 -14.65 15.92 9.28
N ALA C 190 -14.57 15.54 10.57
CA ALA C 190 -15.59 15.90 11.58
C ALA C 190 -15.77 17.40 11.82
N ASN C 191 -14.72 18.21 11.56
CA ASN C 191 -14.79 19.67 11.71
C ASN C 191 -15.31 20.39 10.46
N GLY C 192 -15.65 19.61 9.42
CA GLY C 192 -16.17 20.18 8.19
C GLY C 192 -15.17 20.30 7.07
N ASP C 193 -13.87 20.27 7.39
CA ASP C 193 -12.80 20.36 6.39
C ASP C 193 -12.73 19.20 5.37
N VAL C 194 -12.35 19.54 4.15
CA VAL C 194 -12.23 18.58 3.06
C VAL C 194 -10.74 18.29 2.83
N TYR C 195 -10.34 17.07 3.17
CA TYR C 195 -8.96 16.61 3.05
C TYR C 195 -8.81 15.69 1.84
N ARG C 196 -7.73 15.88 1.10
CA ARG C 196 -7.42 15.04 -0.07
C ARG C 196 -6.05 14.42 0.14
N THR C 197 -5.99 13.10 0.15
CA THR C 197 -4.76 12.36 0.33
C THR C 197 -3.82 12.43 -0.89
N GLY C 198 -2.58 12.00 -0.67
CA GLY C 198 -1.58 11.96 -1.72
C GLY C 198 -1.26 13.27 -2.37
N MET C 199 -1.50 13.36 -3.68
CA MET C 199 -1.20 14.57 -4.44
C MET C 199 -2.39 15.53 -4.58
N GLY C 200 -3.49 15.22 -3.90
CA GLY C 200 -4.69 16.03 -4.00
C GLY C 200 -4.64 17.42 -3.41
N GLY C 201 -3.80 17.59 -2.38
CA GLY C 201 -3.65 18.87 -1.73
C GLY C 201 -3.00 19.95 -2.58
N VAL C 202 -2.28 19.53 -3.61
CA VAL C 202 -1.59 20.44 -4.52
C VAL C 202 -2.55 21.07 -5.55
N PRO C 203 -2.68 22.42 -5.56
CA PRO C 203 -3.59 23.07 -6.53
C PRO C 203 -3.13 22.87 -7.98
N GLY C 204 -4.07 22.46 -8.83
CA GLY C 204 -3.76 22.26 -10.24
C GLY C 204 -3.00 20.98 -10.53
N SER C 205 -3.10 20.04 -9.60
CA SER C 205 -2.44 18.73 -9.69
C SER C 205 -3.18 17.80 -10.65
N ASN C 206 -2.41 17.04 -11.42
CA ASN C 206 -2.97 16.05 -12.34
C ASN C 206 -2.42 14.67 -11.99
N THR C 207 -1.88 14.57 -10.77
CA THR C 207 -1.27 13.34 -10.27
C THR C 207 -1.92 12.62 -9.08
N TRP C 208 -3.16 13.00 -8.74
CA TRP C 208 -3.93 12.44 -7.62
C TRP C 208 -4.15 10.92 -7.71
N GLN C 209 -4.43 10.46 -8.91
CA GLN C 209 -4.66 9.04 -9.17
C GLN C 209 -3.43 8.37 -9.81
N ILE C 210 -2.31 9.07 -9.78
CA ILE C 210 -1.07 8.61 -10.39
C ILE C 210 -0.04 8.08 -9.38
N PHE C 211 0.28 8.90 -8.37
CA PHE C 211 1.26 8.57 -7.33
C PHE C 211 0.53 8.49 -5.98
N LYS C 212 0.61 7.32 -5.37
CA LYS C 212 -0.06 7.01 -4.10
C LYS C 212 0.22 7.85 -2.87
N TRP C 213 1.50 7.89 -2.51
CA TRP C 213 1.93 8.50 -1.26
C TRP C 213 1.84 9.99 -1.00
N GLY C 214 2.37 10.77 -1.93
CA GLY C 214 2.39 12.20 -1.77
C GLY C 214 3.65 12.54 -1.00
N TYR C 215 3.49 13.37 0.02
CA TYR C 215 4.59 13.82 0.87
C TYR C 215 4.06 13.94 2.30
N GLY C 216 4.93 13.69 3.27
CA GLY C 216 4.53 13.72 4.68
C GLY C 216 3.83 12.40 4.97
N PRO C 217 3.15 12.22 6.11
CA PRO C 217 2.49 10.93 6.35
C PRO C 217 1.44 10.63 5.29
N THR C 218 1.33 9.36 4.88
CA THR C 218 0.35 8.98 3.88
C THR C 218 -0.80 8.30 4.62
N LEU C 219 -1.92 9.05 4.64
CA LEU C 219 -3.10 8.68 5.40
C LEU C 219 -4.29 7.89 4.84
N ASP C 220 -4.22 7.42 3.60
CA ASP C 220 -5.34 6.66 3.00
C ASP C 220 -5.77 5.47 3.86
N GLY C 221 -4.76 4.74 4.34
CA GLY C 221 -4.97 3.58 5.18
C GLY C 221 -5.67 3.85 6.50
N MET C 222 -5.39 5.03 7.05
CA MET C 222 -5.96 5.50 8.31
C MET C 222 -7.50 5.61 8.26
N PHE C 223 -8.03 5.98 7.10
CA PHE C 223 -9.48 6.10 6.92
C PHE C 223 -10.23 4.80 6.62
N THR C 224 -9.53 3.78 6.12
CA THR C 224 -10.16 2.50 5.80
C THR C 224 -10.35 1.71 7.07
N GLN C 225 -11.55 1.17 7.22
CA GLN C 225 -12.01 0.39 8.40
C GLN C 225 -11.94 1.23 9.65
N ALA C 226 -12.22 2.53 9.47
CA ALA C 226 -12.17 3.49 10.55
C ALA C 226 -13.31 4.48 10.47
N ASN C 227 -13.44 5.29 11.52
CA ASN C 227 -14.48 6.32 11.61
C ASN C 227 -13.81 7.68 11.85
N TYR C 228 -12.89 8.05 10.95
CA TYR C 228 -12.15 9.31 11.06
C TYR C 228 -12.51 10.29 9.95
N GLY C 229 -13.48 9.93 9.13
CA GLY C 229 -13.89 10.78 8.04
C GLY C 229 -14.86 10.08 7.13
N ILE C 230 -15.56 10.88 6.32
CA ILE C 230 -16.55 10.37 5.36
C ILE C 230 -15.96 10.50 3.96
N CYS C 231 -15.71 9.37 3.30
CA CYS C 231 -15.14 9.37 1.94
C CYS C 231 -16.17 9.85 0.96
N THR C 232 -15.84 10.92 0.22
CA THR C 232 -16.73 11.51 -0.78
C THR C 232 -16.25 11.31 -2.22
N LYS C 233 -14.97 11.06 -2.40
CA LYS C 233 -14.39 10.79 -3.72
C LYS C 233 -13.28 9.78 -3.54
N MET C 234 -13.18 8.81 -4.44
CA MET C 234 -12.11 7.83 -4.36
C MET C 234 -11.58 7.44 -5.72
N GLY C 235 -10.25 7.40 -5.80
CA GLY C 235 -9.57 7.04 -7.01
C GLY C 235 -8.86 5.71 -6.90
N PHE C 236 -8.78 4.99 -8.01
CA PHE C 236 -8.12 3.70 -8.07
C PHE C 236 -7.61 3.36 -9.46
N TRP C 237 -6.69 2.41 -9.53
CA TRP C 237 -6.11 1.98 -10.78
C TRP C 237 -6.89 0.84 -11.41
N LEU C 238 -7.01 0.88 -12.74
CA LEU C 238 -7.72 -0.14 -13.53
C LEU C 238 -6.71 -0.90 -14.37
N MET C 239 -6.93 -2.20 -14.52
CA MET C 239 -6.05 -3.06 -15.32
C MET C 239 -6.37 -2.91 -16.79
N PRO C 240 -5.35 -2.77 -17.67
CA PRO C 240 -5.69 -2.66 -19.10
C PRO C 240 -6.15 -4.03 -19.63
N LYS C 241 -7.16 -4.03 -20.51
CA LYS C 241 -7.72 -5.25 -21.11
C LYS C 241 -6.64 -6.03 -21.86
N PRO C 242 -6.36 -7.27 -21.44
CA PRO C 242 -5.32 -8.07 -22.12
C PRO C 242 -5.90 -8.70 -23.40
N PRO C 243 -5.08 -8.89 -24.46
CA PRO C 243 -5.59 -9.50 -25.71
C PRO C 243 -6.23 -10.88 -25.55
N VAL C 244 -5.64 -11.71 -24.68
CA VAL C 244 -6.19 -13.04 -24.39
C VAL C 244 -6.31 -13.32 -22.89
N PHE C 245 -7.43 -13.94 -22.52
CA PHE C 245 -7.77 -14.32 -21.14
C PHE C 245 -8.01 -15.84 -21.15
N LYS C 246 -7.27 -16.58 -20.32
CA LYS C 246 -7.41 -18.02 -20.26
C LYS C 246 -7.75 -18.54 -18.86
N PRO C 247 -9.06 -18.77 -18.56
CA PRO C 247 -9.48 -19.27 -17.24
C PRO C 247 -9.41 -20.78 -17.15
N PHE C 248 -9.15 -21.29 -15.95
CA PHE C 248 -9.09 -22.72 -15.74
C PHE C 248 -9.44 -23.13 -14.33
N GLU C 249 -9.70 -24.41 -14.18
CA GLU C 249 -10.03 -25.00 -12.90
C GLU C 249 -9.20 -26.25 -12.72
N VAL C 250 -8.89 -26.59 -11.46
CA VAL C 250 -8.14 -27.79 -11.14
C VAL C 250 -8.94 -28.41 -9.99
N ILE C 251 -9.60 -29.53 -10.25
CA ILE C 251 -10.44 -30.24 -9.27
C ILE C 251 -9.65 -31.31 -8.50
N PHE C 252 -9.68 -31.25 -7.17
CA PHE C 252 -8.98 -32.21 -6.31
C PHE C 252 -9.95 -33.06 -5.52
N GLU C 253 -9.61 -34.34 -5.34
CA GLU C 253 -10.47 -35.31 -4.68
C GLU C 253 -10.51 -35.42 -3.15
N ASP C 254 -9.34 -35.39 -2.50
CA ASP C 254 -9.29 -35.51 -1.04
C ASP C 254 -9.22 -34.19 -0.29
N GLU C 255 -9.77 -34.19 0.92
CA GLU C 255 -9.81 -33.04 1.81
C GLU C 255 -8.40 -32.70 2.31
N ALA C 256 -7.57 -33.73 2.37
CA ALA C 256 -6.19 -33.62 2.83
C ALA C 256 -5.24 -33.13 1.74
N ASP C 257 -5.77 -32.96 0.54
CA ASP C 257 -4.97 -32.49 -0.60
C ASP C 257 -4.59 -31.02 -0.51
N ILE C 258 -5.27 -30.29 0.39
CA ILE C 258 -5.05 -28.86 0.62
C ILE C 258 -3.58 -28.45 0.85
N VAL C 259 -2.85 -29.28 1.61
CA VAL C 259 -1.43 -29.04 1.92
C VAL C 259 -0.54 -28.97 0.69
N GLU C 260 -0.72 -29.91 -0.24
CA GLU C 260 0.08 -29.96 -1.47
C GLU C 260 -0.36 -28.96 -2.55
N ILE C 261 -1.63 -28.58 -2.55
CA ILE C 261 -2.18 -27.62 -3.50
C ILE C 261 -1.58 -26.25 -3.23
N VAL C 262 -1.66 -25.83 -1.96
CA VAL C 262 -1.17 -24.53 -1.52
C VAL C 262 0.35 -24.39 -1.71
N ASP C 263 1.11 -25.40 -1.28
CA ASP C 263 2.58 -25.41 -1.38
C ASP C 263 3.08 -25.46 -2.83
N ALA C 264 2.26 -26.00 -3.73
CA ALA C 264 2.62 -26.08 -5.16
C ALA C 264 2.23 -24.81 -5.89
N LEU C 265 1.16 -24.16 -5.41
CA LEU C 265 0.61 -22.92 -5.98
C LEU C 265 1.42 -21.67 -5.62
N ARG C 266 2.00 -21.69 -4.42
CA ARG C 266 2.77 -20.56 -3.92
C ARG C 266 3.87 -20.03 -4.84
N PRO C 267 4.80 -20.90 -5.37
CA PRO C 267 5.85 -20.35 -6.26
C PRO C 267 5.30 -19.74 -7.54
N LEU C 268 4.11 -20.18 -7.93
CA LEU C 268 3.47 -19.68 -9.14
C LEU C 268 2.81 -18.32 -8.94
N ARG C 269 2.35 -18.06 -7.71
CA ARG C 269 1.72 -16.79 -7.34
C ARG C 269 2.79 -15.74 -7.08
N MET C 270 3.85 -16.16 -6.39
CA MET C 270 4.97 -15.30 -6.04
C MET C 270 5.76 -14.78 -7.22
N SER C 271 5.91 -15.64 -8.23
CA SER C 271 6.64 -15.33 -9.46
C SER C 271 5.74 -14.62 -10.45
N ASN C 272 4.45 -14.52 -10.11
CA ASN C 272 3.43 -13.86 -10.93
C ASN C 272 3.04 -14.60 -12.23
N THR C 273 3.34 -15.91 -12.28
CA THR C 273 2.99 -16.78 -13.43
C THR C 273 1.43 -16.85 -13.46
N ILE C 274 0.84 -17.13 -12.30
CA ILE C 274 -0.62 -17.01 -12.14
C ILE C 274 -0.68 -15.63 -11.40
N PRO C 275 -1.10 -14.56 -12.10
CA PRO C 275 -1.15 -13.24 -11.50
C PRO C 275 -2.38 -12.80 -10.71
N ASN C 276 -3.44 -13.60 -10.75
CA ASN C 276 -4.68 -13.25 -10.09
C ASN C 276 -4.95 -13.91 -8.76
N SER C 277 -5.91 -13.36 -8.02
CA SER C 277 -6.31 -13.92 -6.72
C SER C 277 -6.97 -15.26 -7.01
N VAL C 278 -6.28 -16.32 -6.67
CA VAL C 278 -6.75 -17.68 -6.87
C VAL C 278 -7.76 -18.09 -5.77
N VAL C 279 -8.83 -18.78 -6.17
CA VAL C 279 -9.81 -19.28 -5.23
C VAL C 279 -9.72 -20.81 -5.15
N ILE C 280 -9.62 -21.35 -3.93
CA ILE C 280 -9.60 -22.79 -3.72
C ILE C 280 -10.89 -23.03 -2.91
N ALA C 281 -11.98 -23.36 -3.59
CA ALA C 281 -13.28 -23.57 -2.95
C ALA C 281 -13.59 -24.97 -2.45
N SER C 282 -14.12 -25.06 -1.23
CA SER C 282 -14.51 -26.36 -0.64
C SER C 282 -15.73 -26.91 -1.37
N THR C 283 -15.99 -28.20 -1.21
CA THR C 283 -17.10 -28.88 -1.88
C THR C 283 -18.48 -28.25 -1.65
N LEU C 284 -18.73 -27.86 -0.40
CA LEU C 284 -19.99 -27.25 0.01
C LEU C 284 -20.16 -25.81 -0.51
N TRP C 285 -19.04 -25.08 -0.66
CA TRP C 285 -19.07 -23.73 -1.21
C TRP C 285 -19.39 -23.87 -2.69
N GLU C 286 -18.67 -24.80 -3.33
CA GLU C 286 -18.83 -25.10 -4.75
C GLU C 286 -20.28 -25.49 -5.06
N ALA C 287 -20.84 -26.34 -4.19
CA ALA C 287 -22.21 -26.83 -4.30
C ALA C 287 -23.21 -25.66 -4.23
N GLY C 288 -23.07 -24.82 -3.21
CA GLY C 288 -23.95 -23.67 -3.02
C GLY C 288 -23.95 -22.71 -4.19
N SER C 289 -22.78 -22.50 -4.79
CA SER C 289 -22.64 -21.61 -5.93
C SER C 289 -23.18 -22.19 -7.23
N ALA C 290 -23.32 -23.52 -7.29
CA ALA C 290 -23.85 -24.23 -8.47
C ALA C 290 -25.38 -24.41 -8.32
N HIS C 291 -25.88 -23.85 -7.22
CA HIS C 291 -27.30 -23.81 -6.82
C HIS C 291 -27.92 -25.12 -6.35
N LEU C 292 -27.13 -25.89 -5.62
CA LEU C 292 -27.58 -27.15 -5.02
C LEU C 292 -27.95 -26.82 -3.57
N THR C 293 -29.09 -27.33 -3.12
CA THR C 293 -29.56 -27.09 -1.76
C THR C 293 -29.27 -28.32 -0.89
N ARG C 294 -29.30 -28.13 0.43
CA ARG C 294 -29.05 -29.23 1.37
C ARG C 294 -30.22 -30.23 1.36
N ALA C 295 -31.43 -29.68 1.25
CA ALA C 295 -32.70 -30.42 1.25
C ALA C 295 -32.84 -31.46 0.15
N GLN C 296 -32.08 -31.32 -0.93
CA GLN C 296 -32.14 -32.30 -2.02
C GLN C 296 -31.14 -33.42 -1.83
N TYR C 297 -30.55 -33.49 -0.64
CA TYR C 297 -29.57 -34.53 -0.29
C TYR C 297 -29.81 -35.14 1.09
N THR C 298 -30.33 -34.35 2.05
CA THR C 298 -30.61 -34.79 3.41
C THR C 298 -31.48 -33.80 4.16
N THR C 299 -32.37 -34.31 5.02
CA THR C 299 -33.28 -33.48 5.83
C THR C 299 -33.00 -33.68 7.32
N GLU C 300 -31.98 -34.50 7.60
CA GLU C 300 -31.50 -34.85 8.93
C GLU C 300 -30.93 -33.60 9.64
N PRO C 301 -31.21 -33.41 10.96
CA PRO C 301 -30.68 -32.22 11.66
C PRO C 301 -29.15 -32.22 11.84
N GLY C 302 -28.60 -31.04 12.15
CA GLY C 302 -27.17 -30.92 12.32
C GLY C 302 -26.45 -30.67 11.02
N HIS C 303 -25.12 -30.84 11.02
CA HIS C 303 -24.29 -30.65 9.84
C HIS C 303 -24.52 -31.71 8.76
N THR C 304 -23.98 -31.47 7.57
CA THR C 304 -24.07 -32.39 6.44
C THR C 304 -22.93 -33.42 6.61
N PRO C 305 -23.28 -34.71 6.88
CA PRO C 305 -22.26 -35.77 7.07
C PRO C 305 -21.32 -35.99 5.90
N ASP C 306 -20.11 -36.48 6.22
CA ASP C 306 -19.05 -36.75 5.24
C ASP C 306 -19.49 -37.71 4.14
N SER C 307 -20.44 -38.59 4.48
CA SER C 307 -20.99 -39.58 3.57
C SER C 307 -21.84 -38.96 2.44
N VAL C 308 -22.64 -37.95 2.78
CA VAL C 308 -23.48 -37.24 1.81
C VAL C 308 -22.68 -36.21 1.00
N ILE C 309 -21.50 -35.82 1.52
CA ILE C 309 -20.62 -34.90 0.82
C ILE C 309 -19.88 -35.71 -0.25
N LYS C 310 -19.50 -36.94 0.11
CA LYS C 310 -18.82 -37.87 -0.78
C LYS C 310 -19.76 -38.30 -1.90
N GLN C 311 -21.06 -38.38 -1.57
CA GLN C 311 -22.12 -38.74 -2.53
C GLN C 311 -22.32 -37.56 -3.48
N MET C 312 -22.26 -36.36 -2.93
CA MET C 312 -22.40 -35.11 -3.68
C MET C 312 -21.32 -34.97 -4.73
N GLN C 313 -20.11 -35.45 -4.41
CA GLN C 313 -18.95 -35.41 -5.31
C GLN C 313 -19.07 -36.34 -6.52
N LYS C 314 -19.65 -37.53 -6.30
CA LYS C 314 -19.85 -38.53 -7.36
C LYS C 314 -20.91 -38.10 -8.36
N ASP C 315 -22.06 -37.63 -7.86
CA ASP C 315 -23.20 -37.21 -8.68
C ASP C 315 -23.00 -36.00 -9.58
N THR C 316 -22.11 -35.09 -9.15
CA THR C 316 -21.87 -33.84 -9.86
C THR C 316 -20.46 -33.67 -10.47
N GLY C 317 -19.47 -34.35 -9.89
CA GLY C 317 -18.11 -34.26 -10.41
C GLY C 317 -17.21 -33.24 -9.73
N MET C 318 -17.70 -32.64 -8.65
CA MET C 318 -16.97 -31.65 -7.86
C MET C 318 -15.95 -32.36 -6.98
N GLY C 319 -14.95 -31.63 -6.53
CA GLY C 319 -13.96 -32.24 -5.67
C GLY C 319 -14.05 -31.69 -4.27
N ALA C 320 -13.11 -32.10 -3.41
CA ALA C 320 -13.06 -31.62 -2.04
C ALA C 320 -12.58 -30.17 -2.08
N TRP C 321 -11.70 -29.90 -3.03
CA TRP C 321 -11.12 -28.59 -3.27
C TRP C 321 -11.15 -28.31 -4.76
N ASN C 322 -11.71 -27.17 -5.13
CA ASN C 322 -11.84 -26.76 -6.52
C ASN C 322 -11.13 -25.43 -6.68
N LEU C 323 -10.00 -25.44 -7.39
CA LEU C 323 -9.24 -24.23 -7.62
C LEU C 323 -9.51 -23.57 -8.95
N TYR C 324 -9.75 -22.27 -8.92
CA TYR C 324 -10.00 -21.49 -10.12
C TYR C 324 -8.94 -20.41 -10.23
N ALA C 325 -8.24 -20.40 -11.36
CA ALA C 325 -7.18 -19.44 -11.61
C ALA C 325 -7.36 -18.88 -13.02
N ALA C 326 -6.45 -17.99 -13.42
CA ALA C 326 -6.51 -17.37 -14.74
C ALA C 326 -5.19 -16.77 -15.23
N LEU C 327 -4.93 -16.95 -16.54
CA LEU C 327 -3.75 -16.44 -17.23
C LEU C 327 -4.16 -15.27 -18.11
N TYR C 328 -3.34 -14.21 -18.10
CA TYR C 328 -3.61 -12.98 -18.88
C TYR C 328 -2.36 -12.65 -19.67
N GLY C 329 -2.52 -11.88 -20.75
CA GLY C 329 -1.41 -11.47 -21.59
C GLY C 329 -1.65 -11.71 -23.06
N THR C 330 -0.55 -11.79 -23.83
CA THR C 330 -0.57 -12.06 -25.27
C THR C 330 -0.63 -13.56 -25.42
N GLN C 331 -1.00 -14.04 -26.61
CA GLN C 331 -1.13 -15.48 -26.87
C GLN C 331 0.13 -16.27 -26.55
N GLU C 332 1.28 -15.69 -26.90
CA GLU C 332 2.58 -16.31 -26.67
C GLU C 332 2.94 -16.31 -25.18
N GLN C 333 2.53 -15.25 -24.46
CA GLN C 333 2.75 -15.12 -23.01
C GLN C 333 1.93 -16.17 -22.24
N VAL C 334 0.67 -16.32 -22.66
CA VAL C 334 -0.28 -17.27 -22.08
C VAL C 334 0.14 -18.72 -22.37
N ASP C 335 0.63 -18.99 -23.59
CA ASP C 335 1.08 -20.33 -23.97
C ASP C 335 2.29 -20.85 -23.17
N VAL C 336 3.25 -19.97 -22.84
CA VAL C 336 4.42 -20.41 -22.07
C VAL C 336 4.08 -20.57 -20.59
N ASN C 337 3.14 -19.74 -20.12
CA ASN C 337 2.70 -19.79 -18.73
C ASN C 337 1.81 -21.02 -18.52
N TRP C 338 1.06 -21.39 -19.56
CA TRP C 338 0.19 -22.57 -19.51
C TRP C 338 1.03 -23.83 -19.44
N LYS C 339 2.17 -23.83 -20.14
CA LYS C 339 3.09 -24.95 -20.14
C LYS C 339 3.74 -25.11 -18.75
N ILE C 340 4.00 -23.98 -18.06
CA ILE C 340 4.60 -23.99 -16.72
C ILE C 340 3.58 -24.48 -15.67
N VAL C 341 2.35 -23.99 -15.76
CA VAL C 341 1.26 -24.37 -14.83
C VAL C 341 0.89 -25.86 -14.96
N THR C 342 0.76 -26.31 -16.21
CA THR C 342 0.43 -27.70 -16.57
C THR C 342 1.48 -28.71 -16.04
N ASP C 343 2.76 -28.37 -16.17
CA ASP C 343 3.85 -29.23 -15.71
C ASP C 343 3.88 -29.36 -14.19
N VAL C 344 3.52 -28.28 -13.50
CA VAL C 344 3.50 -28.27 -12.02
C VAL C 344 2.44 -29.24 -11.50
N PHE C 345 1.28 -29.23 -12.15
CA PHE C 345 0.17 -30.12 -11.78
C PHE C 345 0.34 -31.57 -12.20
N LYS C 346 1.04 -31.79 -13.32
CA LYS C 346 1.32 -33.13 -13.83
C LYS C 346 2.34 -33.78 -12.88
N LYS C 347 3.36 -33.02 -12.50
CA LYS C 347 4.42 -33.46 -11.57
C LYS C 347 3.91 -33.82 -10.17
N LEU C 348 2.74 -33.26 -9.81
CA LEU C 348 2.11 -33.51 -8.51
C LEU C 348 1.44 -34.89 -8.50
N GLY C 349 0.84 -35.25 -9.64
CA GLY C 349 0.15 -36.52 -9.81
C GLY C 349 -1.17 -36.50 -9.08
N LYS C 350 -1.80 -35.33 -9.05
CA LYS C 350 -3.08 -35.07 -8.39
C LYS C 350 -3.90 -34.02 -9.10
N GLY C 351 -5.21 -34.17 -9.04
CA GLY C 351 -6.13 -33.22 -9.63
C GLY C 351 -6.36 -33.21 -11.13
N ARG C 352 -7.61 -33.06 -11.52
CA ARG C 352 -8.02 -33.00 -12.93
C ARG C 352 -8.05 -31.53 -13.38
N ILE C 353 -7.47 -31.25 -14.53
CA ILE C 353 -7.46 -29.89 -15.08
C ILE C 353 -8.63 -29.76 -16.08
N VAL C 354 -9.48 -28.77 -15.85
CA VAL C 354 -10.63 -28.50 -16.73
C VAL C 354 -10.52 -27.10 -17.29
N THR C 355 -10.64 -27.01 -18.62
CA THR C 355 -10.54 -25.75 -19.37
C THR C 355 -11.87 -25.18 -19.82
N GLN C 356 -11.81 -24.00 -20.46
CA GLN C 356 -12.96 -23.26 -20.99
C GLN C 356 -13.69 -24.00 -22.11
N GLU C 357 -12.97 -24.88 -22.80
CA GLU C 357 -13.52 -25.67 -23.91
C GLU C 357 -14.41 -26.82 -23.40
N GLU C 358 -13.92 -27.52 -22.37
CA GLU C 358 -14.64 -28.67 -21.79
C GLU C 358 -15.59 -28.38 -20.61
N ALA C 359 -15.77 -27.09 -20.29
CA ALA C 359 -16.68 -26.66 -19.22
C ALA C 359 -17.57 -25.56 -19.75
N GLY C 360 -16.95 -24.56 -20.37
CA GLY C 360 -17.62 -23.42 -20.99
C GLY C 360 -18.87 -22.77 -20.45
N ASP C 361 -20.03 -23.31 -20.86
CA ASP C 361 -21.33 -22.78 -20.43
C ASP C 361 -21.90 -23.34 -19.13
N THR C 362 -21.21 -24.28 -18.50
CA THR C 362 -21.67 -24.86 -17.25
C THR C 362 -21.26 -24.06 -16.00
N GLN C 363 -22.08 -24.14 -14.94
CA GLN C 363 -21.79 -23.49 -13.67
C GLN C 363 -21.14 -24.52 -12.71
N PRO C 364 -20.28 -24.08 -11.76
CA PRO C 364 -19.81 -22.74 -11.42
C PRO C 364 -18.63 -22.12 -12.23
N PHE C 365 -18.05 -22.88 -13.16
CA PHE C 365 -16.94 -22.42 -14.01
C PHE C 365 -17.24 -21.08 -14.70
N LYS C 366 -18.45 -20.95 -15.24
CA LYS C 366 -18.87 -19.76 -15.97
C LYS C 366 -18.76 -18.47 -15.17
N TYR C 367 -19.26 -18.47 -13.93
CA TYR C 367 -19.23 -17.24 -13.11
C TYR C 367 -17.87 -16.87 -12.60
N ARG C 368 -17.06 -17.87 -12.28
CA ARG C 368 -15.70 -17.66 -11.81
C ARG C 368 -14.87 -17.04 -12.94
N ALA C 369 -15.07 -17.53 -14.16
CA ALA C 369 -14.38 -17.04 -15.35
C ALA C 369 -14.78 -15.60 -15.61
N GLN C 370 -16.02 -15.28 -15.28
CA GLN C 370 -16.56 -13.94 -15.45
C GLN C 370 -16.01 -13.01 -14.40
N LEU C 371 -15.90 -13.52 -13.17
CA LEU C 371 -15.39 -12.74 -12.04
C LEU C 371 -13.90 -12.40 -12.21
N MET C 372 -13.17 -13.30 -12.85
CA MET C 372 -11.74 -13.16 -13.11
C MET C 372 -11.43 -12.27 -14.31
N SER C 373 -12.47 -11.85 -15.02
CA SER C 373 -12.32 -10.99 -16.20
C SER C 373 -13.16 -9.74 -16.14
N GLY C 374 -13.66 -9.44 -14.94
CA GLY C 374 -14.43 -8.23 -14.73
C GLY C 374 -15.81 -8.13 -15.35
N VAL C 375 -16.51 -9.26 -15.49
CA VAL C 375 -17.87 -9.32 -16.04
C VAL C 375 -18.81 -9.66 -14.85
N PRO C 376 -19.76 -8.76 -14.52
CA PRO C 376 -20.71 -8.94 -13.41
C PRO C 376 -21.72 -10.08 -13.49
N ASN C 377 -21.98 -10.65 -12.32
CA ASN C 377 -22.95 -11.72 -12.13
C ASN C 377 -23.14 -11.85 -10.62
N LEU C 378 -24.34 -12.26 -10.20
CA LEU C 378 -24.67 -12.42 -8.79
C LEU C 378 -24.90 -13.88 -8.47
N GLN C 379 -24.25 -14.75 -9.24
CA GLN C 379 -24.37 -16.20 -9.13
C GLN C 379 -24.03 -16.79 -7.77
N GLU C 380 -23.00 -16.21 -7.13
CA GLU C 380 -22.52 -16.65 -5.81
C GLU C 380 -23.54 -16.50 -4.67
N PHE C 381 -24.64 -15.78 -4.92
CA PHE C 381 -25.70 -15.62 -3.93
C PHE C 381 -26.49 -16.89 -3.65
N GLY C 382 -26.16 -17.96 -4.41
CA GLY C 382 -26.76 -19.26 -4.23
C GLY C 382 -26.36 -19.86 -2.89
N LEU C 383 -25.30 -19.31 -2.29
CA LEU C 383 -24.81 -19.74 -0.98
C LEU C 383 -25.88 -19.53 0.10
N TYR C 384 -26.75 -18.55 -0.13
CA TYR C 384 -27.82 -18.25 0.81
C TYR C 384 -29.00 -19.18 0.64
N ASN C 385 -28.94 -20.01 -0.40
CA ASN C 385 -29.99 -20.97 -0.67
C ASN C 385 -29.63 -22.35 -0.16
N TRP C 386 -28.37 -22.53 0.26
CA TRP C 386 -27.88 -23.82 0.78
C TRP C 386 -28.71 -24.33 1.97
N ARG C 387 -29.08 -23.43 2.86
CA ARG C 387 -29.90 -23.75 4.03
C ARG C 387 -31.07 -22.79 4.10
N GLY C 388 -30.93 -21.63 3.44
CA GLY C 388 -31.97 -20.61 3.42
C GLY C 388 -32.17 -19.88 4.75
N GLY C 389 -33.28 -19.17 4.89
CA GLY C 389 -33.55 -18.49 6.14
C GLY C 389 -33.01 -17.09 6.25
N GLY C 390 -32.06 -16.78 5.38
CA GLY C 390 -31.45 -15.45 5.35
C GLY C 390 -30.46 -15.14 6.43
N GLY C 391 -29.82 -16.19 6.93
CA GLY C 391 -28.82 -16.02 7.95
C GLY C 391 -27.45 -16.37 7.43
N SER C 392 -26.56 -15.39 7.47
CA SER C 392 -25.18 -15.54 6.98
C SER C 392 -24.24 -14.55 7.67
N MET C 393 -23.10 -15.07 8.10
CA MET C 393 -22.02 -14.28 8.71
C MET C 393 -20.70 -14.79 8.15
N TRP C 394 -19.79 -13.86 7.91
CA TRP C 394 -18.48 -14.23 7.40
C TRP C 394 -17.43 -14.30 8.49
N PHE C 395 -16.87 -15.48 8.65
CA PHE C 395 -15.77 -15.66 9.57
C PHE C 395 -14.59 -15.72 8.61
N ALA C 396 -13.72 -14.72 8.65
CA ALA C 396 -12.61 -14.70 7.71
C ALA C 396 -11.21 -14.49 8.28
N PRO C 397 -10.62 -15.56 8.86
CA PRO C 397 -9.28 -15.45 9.42
C PRO C 397 -8.23 -15.33 8.34
N VAL C 398 -7.06 -14.89 8.75
CA VAL C 398 -5.93 -14.70 7.87
C VAL C 398 -4.91 -15.79 8.12
N SER C 399 -4.34 -16.35 7.05
CA SER C 399 -3.29 -17.34 7.22
C SER C 399 -2.20 -17.14 6.22
N GLU C 400 -1.08 -17.77 6.54
CA GLU C 400 0.12 -17.83 5.74
C GLU C 400 -0.25 -18.73 4.54
N ALA C 401 0.24 -18.41 3.33
CA ALA C 401 -0.03 -19.26 2.16
C ALA C 401 0.93 -20.45 2.22
N ARG C 402 0.79 -21.21 3.31
CA ARG C 402 1.58 -22.39 3.58
C ARG C 402 0.55 -23.47 3.88
N GLY C 403 0.67 -24.58 3.15
CA GLY C 403 -0.24 -25.73 3.24
C GLY C 403 -0.63 -26.34 4.58
N SER C 404 0.32 -26.46 5.50
CA SER C 404 0.06 -27.02 6.82
C SER C 404 -0.85 -26.11 7.64
N GLU C 405 -0.72 -24.79 7.41
CA GLU C 405 -1.49 -23.76 8.12
C GLU C 405 -2.94 -23.75 7.66
N CYS C 406 -3.14 -23.95 6.35
CA CYS C 406 -4.46 -23.97 5.74
C CYS C 406 -5.25 -25.19 6.24
N LYS C 407 -4.54 -26.34 6.36
CA LYS C 407 -5.08 -27.61 6.83
C LYS C 407 -5.47 -27.50 8.30
N LYS C 408 -4.63 -26.82 9.08
CA LYS C 408 -4.87 -26.61 10.50
C LYS C 408 -6.10 -25.76 10.74
N GLN C 409 -6.21 -24.65 10.00
CA GLN C 409 -7.34 -23.74 10.13
C GLN C 409 -8.65 -24.34 9.70
N ALA C 410 -8.60 -25.15 8.65
CA ALA C 410 -9.76 -25.84 8.08
C ALA C 410 -10.35 -26.82 9.11
N ALA C 411 -9.48 -27.62 9.74
CA ALA C 411 -9.85 -28.60 10.75
C ALA C 411 -10.44 -27.95 11.99
N MET C 412 -9.83 -26.85 12.44
CA MET C 412 -10.28 -26.10 13.63
C MET C 412 -11.67 -25.54 13.44
N ALA C 413 -11.90 -24.96 12.26
CA ALA C 413 -13.17 -24.37 11.88
C ALA C 413 -14.28 -25.41 11.78
N LYS C 414 -14.00 -26.48 11.02
CA LYS C 414 -14.91 -27.59 10.79
C LYS C 414 -15.45 -28.21 12.08
N ARG C 415 -14.57 -28.32 13.07
CA ARG C 415 -14.91 -28.90 14.36
C ARG C 415 -15.88 -28.06 15.16
N VAL C 416 -15.59 -26.75 15.27
CA VAL C 416 -16.44 -25.82 16.03
C VAL C 416 -17.80 -25.60 15.35
N LEU C 417 -17.82 -25.65 14.03
CA LEU C 417 -19.05 -25.49 13.26
C LEU C 417 -19.97 -26.69 13.43
N HIS C 418 -19.40 -27.90 13.35
CA HIS C 418 -20.16 -29.14 13.49
C HIS C 418 -20.78 -29.27 14.88
N LYS C 419 -20.06 -28.75 15.86
CA LYS C 419 -20.50 -28.72 17.26
C LYS C 419 -21.85 -27.99 17.42
N TYR C 420 -22.09 -26.99 16.58
CA TYR C 420 -23.33 -26.25 16.62
C TYR C 420 -24.28 -26.64 15.50
N GLY C 421 -23.94 -27.77 14.86
CA GLY C 421 -24.73 -28.31 13.78
C GLY C 421 -24.75 -27.50 12.51
N LEU C 422 -23.67 -26.78 12.25
CA LEU C 422 -23.51 -25.94 11.06
C LEU C 422 -22.47 -26.55 10.12
N ASP C 423 -22.39 -26.06 8.90
CA ASP C 423 -21.44 -26.59 7.92
C ASP C 423 -20.15 -25.80 7.69
N TYR C 424 -19.16 -26.48 7.11
CA TYR C 424 -17.91 -25.85 6.75
C TYR C 424 -18.05 -25.60 5.27
N VAL C 425 -18.51 -24.39 4.94
CA VAL C 425 -18.66 -23.95 3.55
C VAL C 425 -17.65 -22.80 3.50
N ALA C 426 -16.49 -23.10 2.93
CA ALA C 426 -15.37 -22.17 2.85
C ALA C 426 -14.54 -22.16 1.57
N GLU C 427 -13.72 -21.12 1.45
CA GLU C 427 -12.79 -20.96 0.33
C GLU C 427 -11.59 -20.15 0.75
N PHE C 428 -10.46 -20.43 0.11
CA PHE C 428 -9.23 -19.71 0.36
C PHE C 428 -9.02 -18.76 -0.81
N ILE C 429 -8.81 -17.48 -0.55
CA ILE C 429 -8.52 -16.54 -1.62
C ILE C 429 -7.01 -16.31 -1.51
N VAL C 430 -6.27 -16.74 -2.53
CA VAL C 430 -4.81 -16.68 -2.49
C VAL C 430 -4.05 -15.55 -3.15
N ALA C 431 -3.16 -14.97 -2.34
CA ALA C 431 -2.25 -13.89 -2.69
C ALA C 431 -0.88 -14.59 -2.66
N PRO C 432 0.22 -13.91 -3.05
CA PRO C 432 1.51 -14.58 -3.00
C PRO C 432 1.88 -15.18 -1.64
N ARG C 433 1.66 -14.40 -0.58
CA ARG C 433 2.00 -14.80 0.79
C ARG C 433 0.87 -15.03 1.79
N ASP C 434 -0.32 -14.52 1.50
CA ASP C 434 -1.44 -14.68 2.40
C ASP C 434 -2.69 -15.31 1.81
N MET C 435 -3.50 -15.87 2.70
CA MET C 435 -4.78 -16.44 2.33
C MET C 435 -5.82 -15.66 3.11
N HIS C 436 -6.94 -15.41 2.46
CA HIS C 436 -8.10 -14.83 3.11
C HIS C 436 -8.92 -16.12 3.22
N HIS C 437 -8.89 -16.77 4.39
CA HIS C 437 -9.66 -18.00 4.61
C HIS C 437 -11.10 -17.55 4.92
N VAL C 438 -11.96 -17.54 3.90
CA VAL C 438 -13.33 -17.08 4.03
C VAL C 438 -14.32 -18.19 4.30
N ILE C 439 -14.90 -18.20 5.51
CA ILE C 439 -15.88 -19.21 5.92
C ILE C 439 -17.25 -18.55 6.04
N ASP C 440 -18.26 -19.15 5.42
CA ASP C 440 -19.62 -18.64 5.47
C ASP C 440 -20.40 -19.44 6.50
N VAL C 441 -20.66 -18.85 7.67
CA VAL C 441 -21.41 -19.55 8.69
C VAL C 441 -22.88 -19.24 8.35
N LEU C 442 -23.46 -20.25 7.67
CA LEU C 442 -24.83 -20.23 7.19
C LEU C 442 -25.78 -20.90 8.15
N TYR C 443 -26.93 -20.27 8.36
CA TYR C 443 -27.96 -20.78 9.25
C TYR C 443 -29.32 -20.19 8.88
N ASP C 444 -30.38 -20.74 9.49
CA ASP C 444 -31.74 -20.31 9.27
C ASP C 444 -32.10 -19.26 10.31
N ARG C 445 -32.27 -18.03 9.87
CA ARG C 445 -32.57 -16.91 10.77
C ARG C 445 -34.02 -16.86 11.29
N THR C 446 -34.93 -17.58 10.62
CA THR C 446 -36.35 -17.63 10.99
C THR C 446 -36.60 -18.63 12.13
N ASN C 447 -35.59 -19.46 12.40
CA ASN C 447 -35.61 -20.47 13.45
C ASN C 447 -34.85 -19.84 14.64
N PRO C 448 -35.55 -19.44 15.73
CA PRO C 448 -34.87 -18.81 16.89
C PRO C 448 -33.81 -19.60 17.65
N GLU C 449 -33.94 -20.93 17.64
CA GLU C 449 -32.98 -21.81 18.31
C GLU C 449 -31.65 -21.87 17.51
N GLU C 450 -31.75 -21.97 16.18
CA GLU C 450 -30.58 -22.02 15.31
C GLU C 450 -29.82 -20.68 15.25
N THR C 451 -30.51 -19.54 15.48
CA THR C 451 -29.81 -18.26 15.47
C THR C 451 -29.01 -18.10 16.76
N LYS C 452 -29.56 -18.61 17.85
CA LYS C 452 -28.92 -18.56 19.17
C LYS C 452 -27.64 -19.42 19.11
N ARG C 453 -27.70 -20.52 18.35
CA ARG C 453 -26.57 -21.42 18.17
C ARG C 453 -25.50 -20.79 17.32
N ALA C 454 -25.93 -20.08 16.26
CA ALA C 454 -25.04 -19.39 15.30
C ALA C 454 -24.24 -18.30 15.96
N ASP C 455 -24.87 -17.59 16.90
CA ASP C 455 -24.22 -16.51 17.65
C ASP C 455 -23.13 -17.08 18.55
N ALA C 456 -23.45 -18.23 19.15
CA ALA C 456 -22.53 -18.91 20.05
C ALA C 456 -21.39 -19.50 19.25
N CYS C 457 -21.71 -20.00 18.05
CA CYS C 457 -20.73 -20.59 17.17
C CYS C 457 -19.71 -19.56 16.73
N PHE C 458 -20.19 -18.36 16.40
CA PHE C 458 -19.33 -17.29 15.93
C PHE C 458 -18.37 -16.84 17.02
N ASN C 459 -18.87 -16.80 18.27
CA ASN C 459 -18.06 -16.43 19.44
C ASN C 459 -16.95 -17.45 19.65
N GLU C 460 -17.30 -18.73 19.60
CA GLU C 460 -16.35 -19.81 19.78
C GLU C 460 -15.30 -19.90 18.66
N LEU C 461 -15.71 -19.53 17.45
CA LEU C 461 -14.84 -19.50 16.27
C LEU C 461 -13.75 -18.45 16.52
N LEU C 462 -14.14 -17.29 17.04
CA LEU C 462 -13.21 -16.22 17.38
C LEU C 462 -12.31 -16.59 18.55
N ASP C 463 -12.88 -17.25 19.58
CA ASP C 463 -12.11 -17.66 20.74
C ASP C 463 -11.10 -18.72 20.37
N GLU C 464 -11.52 -19.73 19.59
CA GLU C 464 -10.63 -20.81 19.15
C GLU C 464 -9.48 -20.36 18.29
N PHE C 465 -9.76 -19.45 17.37
CA PHE C 465 -8.73 -18.94 16.47
C PHE C 465 -7.73 -17.97 17.11
N GLU C 466 -8.21 -17.12 18.03
CA GLU C 466 -7.38 -16.14 18.74
C GLU C 466 -6.34 -16.86 19.62
N LYS C 467 -6.76 -17.98 20.20
CA LYS C 467 -5.93 -18.85 21.06
C LYS C 467 -4.73 -19.39 20.27
N GLU C 468 -4.95 -19.67 18.97
CA GLU C 468 -3.89 -20.17 18.10
C GLU C 468 -3.16 -19.05 17.36
N GLY C 469 -3.41 -17.82 17.77
CA GLY C 469 -2.76 -16.65 17.21
C GLY C 469 -3.34 -16.09 15.93
N TYR C 470 -4.56 -16.49 15.60
CA TYR C 470 -5.21 -16.00 14.38
C TYR C 470 -6.30 -15.00 14.68
N ALA C 471 -6.45 -14.01 13.81
CA ALA C 471 -7.48 -13.01 13.93
C ALA C 471 -8.11 -12.79 12.55
N VAL C 472 -9.28 -12.15 12.53
CA VAL C 472 -9.98 -11.87 11.27
C VAL C 472 -9.61 -10.51 10.68
N TYR C 473 -9.74 -10.38 9.36
CA TYR C 473 -9.38 -9.15 8.66
C TYR C 473 -10.51 -8.12 8.55
N ARG C 474 -11.74 -8.60 8.76
CA ARG C 474 -12.96 -7.83 8.62
C ARG C 474 -14.03 -8.65 9.35
N VAL C 475 -14.99 -7.97 9.98
CA VAL C 475 -16.06 -8.65 10.71
C VAL C 475 -17.36 -7.83 10.71
N ASN C 476 -18.47 -8.48 11.10
CA ASN C 476 -19.75 -7.80 11.17
C ASN C 476 -19.87 -6.77 12.32
N THR C 477 -20.86 -5.89 12.20
CA THR C 477 -21.10 -4.82 13.16
C THR C 477 -21.32 -5.28 14.59
N ARG C 478 -21.90 -6.46 14.75
CA ARG C 478 -22.15 -7.03 16.07
C ARG C 478 -20.84 -7.51 16.75
N PHE C 479 -19.85 -7.92 15.95
CA PHE C 479 -18.59 -8.39 16.53
C PHE C 479 -17.38 -7.49 16.34
N GLN C 480 -17.61 -6.25 15.91
CA GLN C 480 -16.51 -5.30 15.68
C GLN C 480 -15.69 -4.93 16.90
N ASP C 481 -16.33 -4.82 18.07
CA ASP C 481 -15.61 -4.49 19.30
C ASP C 481 -14.84 -5.74 19.79
N ARG C 482 -15.45 -6.90 19.62
CA ARG C 482 -14.86 -8.17 20.02
C ARG C 482 -13.53 -8.44 19.28
N VAL C 483 -13.53 -8.20 17.98
CA VAL C 483 -12.36 -8.41 17.14
C VAL C 483 -11.27 -7.38 17.41
N ALA C 484 -11.67 -6.19 17.87
CA ALA C 484 -10.72 -5.11 18.20
C ALA C 484 -9.81 -5.57 19.34
N GLN C 485 -10.36 -6.43 20.21
CA GLN C 485 -9.65 -7.00 21.35
C GLN C 485 -8.54 -7.97 20.97
N SER C 486 -8.68 -8.61 19.81
CA SER C 486 -7.69 -9.60 19.32
C SER C 486 -6.35 -8.96 19.01
N TYR C 487 -6.39 -7.66 18.74
CA TYR C 487 -5.22 -6.90 18.37
C TYR C 487 -4.49 -6.14 19.45
N GLY C 488 -4.84 -6.42 20.72
CA GLY C 488 -4.18 -5.82 21.86
C GLY C 488 -4.61 -4.44 22.32
N PRO C 489 -4.29 -4.07 23.59
CA PRO C 489 -4.66 -2.76 24.17
C PRO C 489 -3.95 -1.51 23.62
N VAL C 490 -2.65 -1.61 23.31
CA VAL C 490 -1.86 -0.50 22.78
C VAL C 490 -2.44 0.06 21.47
N LYS C 491 -2.92 -0.84 20.61
CA LYS C 491 -3.53 -0.47 19.34
C LYS C 491 -4.80 0.36 19.53
N ARG C 492 -5.66 -0.14 20.40
CA ARG C 492 -6.92 0.50 20.72
C ARG C 492 -6.70 1.86 21.35
N LYS C 493 -5.67 1.93 22.18
CA LYS C 493 -5.30 3.15 22.89
C LYS C 493 -4.92 4.24 21.87
N LEU C 494 -4.07 3.86 20.89
CA LEU C 494 -3.60 4.76 19.81
C LEU C 494 -4.78 5.19 18.93
N GLU C 495 -5.69 4.26 18.66
CA GLU C 495 -6.84 4.55 17.84
C GLU C 495 -7.84 5.48 18.46
N HIS C 496 -7.88 5.50 19.80
CA HIS C 496 -8.79 6.39 20.54
C HIS C 496 -8.17 7.78 20.72
N ALA C 497 -6.84 7.83 20.71
CA ALA C 497 -6.10 9.07 20.82
C ALA C 497 -6.31 9.89 19.52
N ILE C 498 -6.22 9.22 18.37
CA ILE C 498 -6.41 9.82 17.04
C ILE C 498 -7.89 10.24 16.88
N LYS C 499 -8.80 9.43 17.43
CA LYS C 499 -10.24 9.67 17.39
C LYS C 499 -10.64 10.93 18.15
N ARG C 500 -10.05 11.15 19.33
CA ARG C 500 -10.30 12.33 20.16
C ARG C 500 -9.83 13.58 19.42
N ALA C 501 -8.75 13.43 18.66
CA ALA C 501 -8.15 14.50 17.88
C ALA C 501 -8.90 14.90 16.62
N VAL C 502 -9.55 13.96 15.96
CA VAL C 502 -10.25 14.26 14.72
C VAL C 502 -11.76 14.31 14.81
N ASP C 503 -12.29 13.75 15.89
CA ASP C 503 -13.73 13.69 16.14
C ASP C 503 -13.96 13.82 17.66
N PRO C 504 -13.66 15.02 18.27
CA PRO C 504 -13.85 15.19 19.73
C PRO C 504 -15.26 14.98 20.26
N ASN C 505 -16.26 15.31 19.42
CA ASN C 505 -17.66 15.13 19.80
C ASN C 505 -18.25 13.73 19.59
N ASN C 506 -17.41 12.80 19.10
CA ASN C 506 -17.75 11.37 18.85
C ASN C 506 -18.92 11.15 17.89
N ILE C 507 -19.03 11.98 16.85
CA ILE C 507 -20.14 11.86 15.91
C ILE C 507 -19.97 10.92 14.71
N LEU C 508 -18.73 10.66 14.29
CA LEU C 508 -18.49 9.78 13.15
C LEU C 508 -18.48 8.31 13.56
N ALA C 509 -19.56 7.63 13.21
CA ALA C 509 -19.82 6.20 13.45
C ALA C 509 -19.18 5.55 14.67
N PRO C 510 -19.51 6.02 15.91
CA PRO C 510 -18.91 5.39 17.09
C PRO C 510 -19.22 3.90 17.19
N GLY C 511 -18.17 3.12 17.41
CA GLY C 511 -18.32 1.67 17.48
C GLY C 511 -17.72 0.96 16.28
N ARG C 512 -17.50 1.70 15.17
CA ARG C 512 -16.87 1.16 13.95
C ARG C 512 -15.46 0.70 14.33
N SER C 513 -15.18 -0.58 14.06
CA SER C 513 -13.89 -1.22 14.34
C SER C 513 -13.49 -1.15 15.80
N GLY C 514 -14.50 -0.97 16.64
CA GLY C 514 -14.31 -0.86 18.07
C GLY C 514 -13.77 0.46 18.56
N ILE C 515 -13.90 1.50 17.74
CA ILE C 515 -13.43 2.86 18.06
C ILE C 515 -14.65 3.68 18.48
N ASP C 516 -14.68 4.06 19.77
CA ASP C 516 -15.78 4.83 20.36
C ASP C 516 -15.20 5.59 21.55
N LEU C 517 -15.48 6.88 21.65
CA LEU C 517 -14.94 7.69 22.76
C LEU C 517 -15.53 7.38 24.14
N ASN C 518 -16.63 6.62 24.14
CA ASN C 518 -17.31 6.18 25.35
C ASN C 518 -16.62 4.97 25.96
N ASN C 519 -15.48 4.57 25.40
CA ASN C 519 -14.71 3.43 25.89
C ASN C 519 -13.60 4.02 26.76
N ASP C 520 -13.00 3.21 27.62
CA ASP C 520 -11.94 3.69 28.50
C ASP C 520 -10.54 3.39 27.95
N PHE C 521 -10.15 4.21 26.97
CA PHE C 521 -8.84 4.09 26.30
C PHE C 521 -8.18 5.45 26.10
N SER D 2 -37.13 8.12 -15.69
CA SER D 2 -37.06 8.13 -14.19
C SER D 2 -35.63 7.80 -13.70
N GLN D 3 -35.53 7.15 -12.54
CA GLN D 3 -34.25 6.75 -11.93
C GLN D 3 -33.58 5.61 -12.71
N TRP D 4 -34.39 4.68 -13.21
CA TRP D 4 -33.88 3.57 -14.01
C TRP D 4 -34.33 3.65 -15.46
N GLY D 5 -35.16 4.67 -15.75
CA GLY D 5 -35.68 4.92 -17.09
C GLY D 5 -36.92 4.11 -17.41
N SER D 6 -36.76 2.79 -17.42
CA SER D 6 -37.82 1.83 -17.70
C SER D 6 -37.73 0.65 -16.72
N GLY D 7 -38.77 -0.18 -16.69
CA GLY D 7 -38.79 -1.35 -15.84
C GLY D 7 -37.94 -2.48 -16.41
N LYS D 8 -37.75 -2.48 -17.72
CA LYS D 8 -36.92 -3.49 -18.39
C LYS D 8 -35.47 -3.26 -17.96
N ASN D 9 -35.12 -1.98 -17.83
CA ASN D 9 -33.77 -1.60 -17.44
C ASN D 9 -33.46 -1.97 -16.00
N LEU D 10 -34.41 -1.76 -15.08
CA LEU D 10 -34.22 -2.13 -13.67
C LEU D 10 -34.04 -3.65 -13.57
N TYR D 11 -34.84 -4.38 -14.33
CA TYR D 11 -34.79 -5.82 -14.34
C TYR D 11 -33.45 -6.34 -14.89
N ASP D 12 -32.94 -5.71 -15.93
CA ASP D 12 -31.68 -6.14 -16.54
C ASP D 12 -30.44 -5.82 -15.71
N LYS D 13 -30.44 -4.62 -15.12
CA LYS D 13 -29.32 -4.16 -14.33
C LYS D 13 -29.26 -4.63 -12.88
N VAL D 14 -30.40 -4.91 -12.27
CA VAL D 14 -30.44 -5.36 -10.86
C VAL D 14 -31.10 -6.72 -10.63
N CYS D 15 -32.44 -6.74 -10.67
CA CYS D 15 -33.26 -7.93 -10.40
C CYS D 15 -32.92 -9.20 -11.14
N GLY D 16 -32.77 -9.08 -12.46
CA GLY D 16 -32.47 -10.22 -13.31
C GLY D 16 -31.17 -10.96 -13.06
N HIS D 17 -30.24 -10.32 -12.33
CA HIS D 17 -28.95 -10.94 -12.00
C HIS D 17 -29.12 -12.13 -11.08
N CYS D 18 -30.27 -12.15 -10.41
CA CYS D 18 -30.64 -13.23 -9.50
C CYS D 18 -31.90 -13.99 -9.98
N HIS D 19 -32.83 -13.26 -10.58
CA HIS D 19 -34.11 -13.79 -11.01
C HIS D 19 -34.33 -14.39 -12.40
N LYS D 20 -33.43 -14.11 -13.34
CA LYS D 20 -33.54 -14.68 -14.70
C LYS D 20 -33.46 -16.21 -14.67
N PRO D 21 -34.25 -16.91 -15.54
CA PRO D 21 -34.25 -18.38 -15.57
C PRO D 21 -32.92 -19.11 -15.63
N GLU D 22 -31.95 -18.55 -16.36
CA GLU D 22 -30.61 -19.12 -16.52
C GLU D 22 -29.80 -19.04 -15.23
N VAL D 23 -30.13 -18.08 -14.37
CA VAL D 23 -29.43 -17.87 -13.10
C VAL D 23 -30.02 -18.77 -12.01
N GLY D 24 -31.26 -18.48 -11.60
CA GLY D 24 -31.93 -19.30 -10.60
C GLY D 24 -31.55 -19.16 -9.13
N VAL D 25 -31.13 -17.95 -8.73
CA VAL D 25 -30.79 -17.68 -7.32
C VAL D 25 -32.13 -17.43 -6.64
N GLY D 26 -33.02 -16.77 -7.37
CA GLY D 26 -34.35 -16.46 -6.91
C GLY D 26 -35.37 -17.05 -7.87
N PRO D 27 -36.64 -17.17 -7.48
CA PRO D 27 -37.68 -17.73 -8.35
C PRO D 27 -38.01 -16.86 -9.56
N VAL D 28 -38.48 -17.48 -10.64
CA VAL D 28 -38.86 -16.81 -11.88
C VAL D 28 -40.00 -15.83 -11.58
N LEU D 29 -39.88 -14.59 -12.02
CA LEU D 29 -40.94 -13.59 -11.79
C LEU D 29 -41.61 -13.19 -13.10
N GLU D 30 -41.04 -13.67 -14.22
CA GLU D 30 -41.53 -13.39 -15.56
C GLU D 30 -42.86 -14.05 -15.89
N GLY D 31 -43.87 -13.22 -16.15
CA GLY D 31 -45.21 -13.69 -16.50
C GLY D 31 -45.94 -14.48 -15.43
N ARG D 32 -45.75 -14.09 -14.18
CA ARG D 32 -46.41 -14.74 -13.06
C ARG D 32 -47.56 -13.94 -12.49
N GLY D 33 -47.76 -12.74 -13.04
CA GLY D 33 -48.82 -11.84 -12.62
C GLY D 33 -48.77 -11.39 -11.17
N LEU D 34 -47.56 -11.16 -10.67
CA LEU D 34 -47.38 -10.73 -9.29
C LEU D 34 -47.80 -9.28 -9.09
N PRO D 35 -48.66 -9.02 -8.08
CA PRO D 35 -49.16 -7.67 -7.76
C PRO D 35 -48.07 -6.65 -7.42
N GLU D 36 -48.24 -5.42 -7.92
CA GLU D 36 -47.32 -4.30 -7.67
C GLU D 36 -47.14 -4.01 -6.18
N ALA D 37 -48.19 -4.22 -5.40
CA ALA D 37 -48.17 -3.99 -3.96
C ALA D 37 -47.36 -5.04 -3.22
N TYR D 38 -47.30 -6.24 -3.81
CA TYR D 38 -46.53 -7.36 -3.25
C TYR D 38 -45.03 -7.20 -3.55
N ILE D 39 -44.70 -6.85 -4.79
CA ILE D 39 -43.33 -6.62 -5.24
C ILE D 39 -42.72 -5.45 -4.44
N LYS D 40 -43.54 -4.45 -4.14
CA LYS D 40 -43.15 -3.27 -3.36
C LYS D 40 -42.84 -3.68 -1.93
N ASP D 41 -43.53 -4.70 -1.41
CA ASP D 41 -43.33 -5.19 -0.05
C ASP D 41 -42.07 -6.02 0.13
N ILE D 42 -41.79 -6.87 -0.86
CA ILE D 42 -40.61 -7.74 -0.84
C ILE D 42 -39.33 -6.92 -1.04
N VAL D 43 -39.34 -5.94 -1.94
CA VAL D 43 -38.15 -5.13 -2.20
C VAL D 43 -37.85 -4.21 -1.03
N ARG D 44 -38.87 -3.66 -0.40
CA ARG D 44 -38.66 -2.76 0.74
C ARG D 44 -38.36 -3.47 2.04
N ASN D 45 -38.93 -4.65 2.26
CA ASN D 45 -38.67 -5.41 3.50
C ASN D 45 -37.57 -6.45 3.35
N GLY D 46 -37.45 -6.99 2.13
CA GLY D 46 -36.48 -8.04 1.87
C GLY D 46 -37.16 -9.33 2.31
N PHE D 47 -36.84 -10.44 1.65
CA PHE D 47 -37.46 -11.70 2.04
C PHE D 47 -36.44 -12.82 2.22
N ARG D 48 -36.17 -13.13 3.49
CA ARG D 48 -35.22 -14.16 3.92
C ARG D 48 -33.85 -13.98 3.22
N ALA D 49 -33.57 -14.82 2.22
CA ALA D 49 -32.34 -14.80 1.45
C ALA D 49 -32.22 -13.56 0.57
N MET D 50 -33.35 -12.95 0.23
CA MET D 50 -33.37 -11.73 -0.59
C MET D 50 -33.06 -10.46 0.19
N PRO D 51 -32.15 -9.61 -0.34
CA PRO D 51 -31.83 -8.36 0.36
C PRO D 51 -32.93 -7.32 0.13
N ALA D 52 -32.91 -6.27 0.94
CA ALA D 52 -33.88 -5.17 0.79
C ALA D 52 -33.14 -4.02 0.12
N PHE D 53 -33.84 -3.27 -0.72
CA PHE D 53 -33.25 -2.13 -1.41
C PHE D 53 -33.96 -0.86 -0.98
N PRO D 54 -33.21 0.16 -0.53
CA PRO D 54 -33.85 1.42 -0.11
C PRO D 54 -34.34 2.22 -1.32
N ALA D 55 -35.19 3.23 -1.07
CA ALA D 55 -35.75 4.07 -2.15
C ALA D 55 -34.67 4.78 -2.95
N SER D 56 -33.56 5.09 -2.25
CA SER D 56 -32.41 5.77 -2.85
C SER D 56 -31.72 4.92 -3.90
N TYR D 57 -31.91 3.60 -3.80
CA TYR D 57 -31.32 2.67 -4.76
C TYR D 57 -32.35 2.39 -5.85
N VAL D 58 -33.55 1.97 -5.44
CA VAL D 58 -34.66 1.65 -6.36
C VAL D 58 -35.89 2.37 -5.81
N ASP D 59 -36.34 3.43 -6.49
CA ASP D 59 -37.52 4.21 -6.05
C ASP D 59 -38.90 3.63 -6.38
N ASP D 60 -39.93 4.16 -5.72
CA ASP D 60 -41.32 3.73 -5.89
C ASP D 60 -41.79 3.67 -7.34
N GLU D 61 -41.43 4.69 -8.11
CA GLU D 61 -41.78 4.79 -9.51
C GLU D 61 -41.18 3.66 -10.34
N SER D 62 -39.95 3.25 -9.99
CA SER D 62 -39.23 2.17 -10.69
C SER D 62 -39.78 0.80 -10.37
N LEU D 63 -40.35 0.66 -9.16
CA LEU D 63 -40.97 -0.58 -8.71
C LEU D 63 -42.26 -0.82 -9.50
N THR D 64 -42.99 0.28 -9.74
CA THR D 64 -44.25 0.27 -10.50
C THR D 64 -43.96 -0.21 -11.93
N GLN D 65 -42.90 0.34 -12.51
CA GLN D 65 -42.48 0.01 -13.87
C GLN D 65 -42.04 -1.44 -14.02
N VAL D 66 -41.30 -1.97 -13.04
CA VAL D 66 -40.82 -3.37 -13.10
C VAL D 66 -41.95 -4.38 -12.90
N ALA D 67 -42.95 -4.01 -12.08
CA ALA D 67 -44.11 -4.85 -11.81
C ALA D 67 -44.92 -5.04 -13.09
N GLU D 68 -45.08 -3.91 -13.80
CA GLU D 68 -45.80 -3.82 -15.06
C GLU D 68 -45.04 -4.56 -16.17
N TYR D 69 -43.72 -4.44 -16.20
CA TYR D 69 -42.89 -5.13 -17.20
C TYR D 69 -42.94 -6.66 -17.02
N LEU D 70 -42.95 -7.11 -15.76
CA LEU D 70 -42.97 -8.55 -15.44
C LEU D 70 -44.29 -9.23 -15.79
N SER D 71 -45.40 -8.50 -15.66
CA SER D 71 -46.73 -8.99 -15.98
C SER D 71 -46.97 -9.17 -17.48
N SER D 72 -46.34 -8.29 -18.27
CA SER D 72 -46.46 -8.27 -19.72
C SER D 72 -45.69 -9.35 -20.51
N LEU D 73 -44.78 -10.05 -19.84
CA LEU D 73 -43.95 -11.09 -20.47
C LEU D 73 -44.58 -12.48 -20.42
N PRO D 74 -44.18 -13.41 -21.35
CA PRO D 74 -44.74 -14.77 -21.31
C PRO D 74 -44.08 -15.63 -20.22
N ALA D 75 -44.84 -16.58 -19.68
CA ALA D 75 -44.33 -17.49 -18.64
C ALA D 75 -43.37 -18.55 -19.21
CL CL E . 22.73 16.09 2.76
PA FAD F . 18.42 6.91 7.03
O1A FAD F . 18.86 6.04 8.13
O2A FAD F . 19.23 8.08 6.71
O5B FAD F . 16.92 7.29 7.39
C5B FAD F . 16.26 8.18 6.45
C4B FAD F . 15.25 9.02 7.16
O4B FAD F . 14.25 8.14 7.70
C3B FAD F . 15.82 9.70 8.39
O3B FAD F . 16.46 10.90 8.13
C2B FAD F . 14.64 9.96 9.24
O2B FAD F . 13.94 11.17 8.99
C1B FAD F . 13.83 8.67 8.99
N9A FAD F . 14.13 7.75 10.15
C8A FAD F . 15.16 6.79 10.07
N7A FAD F . 15.05 5.77 10.81
C5A FAD F . 13.85 5.98 11.46
C6A FAD F . 13.18 5.23 12.49
N6A FAD F . 13.72 4.11 12.97
N1A FAD F . 11.98 5.70 12.97
C2A FAD F . 11.48 6.86 12.44
N3A FAD F . 12.03 7.66 11.47
C4A FAD F . 13.25 7.15 11.03
N1 FAD F . 17.71 6.98 -2.54
C2 FAD F . 16.74 6.20 -3.01
O2 FAD F . 15.65 6.06 -2.45
N3 FAD F . 17.08 5.55 -4.17
C4 FAD F . 18.32 5.55 -4.84
O4 FAD F . 18.43 4.82 -5.82
C4X FAD F . 19.28 6.46 -4.33
N5 FAD F . 20.47 6.58 -5.06
C5X FAD F . 21.36 7.48 -4.51
C6 FAD F . 22.60 7.66 -5.21
C7 FAD F . 23.58 8.52 -4.74
C7M FAD F . 24.85 8.69 -5.48
C8 FAD F . 23.33 9.25 -3.52
C8M FAD F . 24.30 10.14 -2.94
C9 FAD F . 22.17 9.10 -2.83
C9A FAD F . 21.15 8.23 -3.30
N10 FAD F . 19.89 8.04 -2.63
C10 FAD F . 18.91 7.13 -3.18
C1' FAD F . 19.56 8.73 -1.36
C2' FAD F . 19.84 7.59 -0.31
O2' FAD F . 20.98 7.97 0.43
C3' FAD F . 18.59 7.26 0.53
O3' FAD F . 17.51 6.84 -0.19
C4' FAD F . 18.64 6.15 1.58
O4' FAD F . 19.45 4.99 1.41
C5' FAD F . 18.77 6.90 2.84
O5' FAD F . 19.67 6.25 3.61
P FAD F . 19.31 5.41 4.84
O1P FAD F . 20.57 5.39 5.62
O2P FAD F . 18.78 4.18 4.32
O3P FAD F . 18.20 6.05 5.72
CB PCR G . 19.34 7.64 -7.78
CG PCR G . 18.36 8.38 -6.91
CD1 PCR G . 17.00 7.99 -6.88
CE1 PCR G . 16.04 8.66 -6.03
CD2 PCR G . 18.76 9.46 -6.07
CE2 PCR G . 17.83 10.13 -5.22
CZ PCR G . 16.46 9.72 -5.22
OH PCR G . 15.51 10.40 -4.49
FE HEC H . 36.97 7.63 1.16
CHA HEC H . 38.80 10.20 -0.10
CHB HEC H . 39.40 6.96 3.46
CHC HEC H . 35.08 5.06 2.46
CHD HEC H . 34.58 8.15 -1.19
NA HEC H . 38.76 8.43 1.61
C1A HEC H . 39.34 9.50 0.96
C2A HEC H . 40.63 9.77 1.58
C3A HEC H . 40.81 8.86 2.58
C4A HEC H . 39.63 8.01 2.61
CMA HEC H . 42.00 8.70 3.53
CAA HEC H . 41.58 10.88 1.13
CBA HEC H . 42.53 10.35 0.05
CGA HEC H . 43.57 11.34 -0.42
O1A HEC H . 44.30 10.94 -1.42
O2A HEC H . 43.69 12.41 0.18
NB HEC H . 37.18 6.27 2.65
C1B HEC H . 38.29 6.15 3.49
C2B HEC H . 38.09 5.05 4.41
C3B HEC H . 36.87 4.52 4.13
C4B HEC H . 36.30 5.28 3.05
CMB HEC H . 39.09 4.59 5.47
CAB HEC H . 36.14 3.33 4.79
CBB HEC H . 35.85 3.54 6.29
NC HEC H . 35.19 6.80 0.73
C1C HEC H . 34.57 5.74 1.39
C2C HEC H . 33.30 5.41 0.76
C3C HEC H . 33.17 6.25 -0.29
C4C HEC H . 34.33 7.13 -0.30
CMC HEC H . 32.37 4.28 1.25
CAC HEC H . 32.04 6.32 -1.34
CBC HEC H . 30.64 6.60 -0.79
ND HEC H . 36.73 8.91 -0.32
C1D HEC H . 35.66 8.98 -1.22
C2D HEC H . 35.87 10.07 -2.16
C3D HEC H . 37.06 10.66 -1.83
C4D HEC H . 37.60 9.93 -0.71
CMD HEC H . 34.91 10.48 -3.30
CAD HEC H . 37.67 11.85 -2.54
CBD HEC H . 37.11 13.14 -1.90
CGD HEC H . 37.65 14.36 -2.55
O1D HEC H . 38.88 14.49 -2.67
O2D HEC H . 36.76 15.16 -2.94
CL CL I . -25.58 -8.58 7.54
PA FAD J . -20.80 -0.53 1.67
O1A FAD J . -21.35 0.62 0.95
O2A FAD J . -21.72 -1.39 2.46
O5B FAD J . -19.62 0.03 2.59
C5B FAD J . -18.95 -0.98 3.43
C4B FAD J . -18.49 -0.37 4.71
O4B FAD J . -17.56 0.67 4.36
C3B FAD J . -19.58 0.35 5.46
O3B FAD J . -20.35 -0.46 6.27
C2B FAD J . -18.88 1.36 6.28
O2B FAD J . -18.40 0.92 7.54
C1B FAD J . -17.77 1.78 5.31
N9A FAD J . -18.25 3.04 4.64
C8A FAD J . -18.85 2.99 3.38
N7A FAD J . -18.73 4.02 2.65
C5A FAD J . -18.00 4.86 3.43
C6A FAD J . -17.57 6.21 3.23
N6A FAD J . -17.90 6.84 2.10
N1A FAD J . -16.84 6.83 4.22
C2A FAD J . -16.56 6.14 5.34
N3A FAD J . -16.92 4.86 5.62
C4A FAD J . -17.66 4.27 4.62
N1 FAD J . -16.93 -8.95 -0.32
C2 FAD J . -15.70 -8.85 -0.79
O2 FAD J . -14.94 -8.00 -0.43
N3 FAD J . -15.38 -9.79 -1.75
C4 FAD J . -16.21 -10.78 -2.30
O4 FAD J . -15.75 -11.49 -3.19
C4X FAD J . -17.52 -10.88 -1.71
N5 FAD J . -18.34 -11.91 -2.17
C5X FAD J . -19.58 -11.94 -1.54
C6 FAD J . -20.48 -12.98 -1.96
C7 FAD J . -21.75 -13.09 -1.41
C7M FAD J . -22.66 -14.17 -1.83
C8 FAD J . -22.17 -12.14 -0.40
C8M FAD J . -23.48 -12.15 0.23
C9 FAD J . -21.33 -11.15 -0.01
C9A FAD J . -20.04 -11.02 -0.53
N10 FAD J . -19.12 -9.98 -0.12
C10 FAD J . -17.80 -9.92 -0.73
C1' FAD J . -19.49 -8.97 0.87
C2' FAD J . -19.84 -7.70 0.02
O2' FAD J . -21.21 -7.43 0.16
C3' FAD J . -18.91 -6.53 0.37
O3' FAD J . -17.56 -6.73 0.10
C4' FAD J . -19.05 -5.20 -0.36
O4' FAD J . -19.28 -5.18 -1.77
C5' FAD J . -19.91 -4.42 0.57
O5' FAD J . -20.83 -3.73 -0.12
P FAD J . -20.63 -2.25 -0.55
O1P FAD J . -22.01 -1.76 -0.86
O2P FAD J . -19.69 -2.30 -1.65
O3P FAD J . -20.02 -1.39 0.60
CB PCR K . -16.59 -14.49 -1.65
CG PCR K . -16.22 -13.72 -0.42
CD1 PCR K . -14.89 -13.24 -0.25
CE1 PCR K . -14.53 -12.45 0.88
CD2 PCR K . -17.18 -13.40 0.58
CE2 PCR K . -16.83 -12.61 1.71
CZ PCR K . -15.51 -12.15 1.86
OH PCR K . -15.14 -11.45 2.99
FE HEC L . -35.80 -11.01 -5.44
CHA HEC L . -37.65 -13.48 -4.01
CHB HEC L . -38.65 -9.34 -6.31
CHC HEC L . -33.93 -8.52 -6.82
CHD HEC L . -32.94 -12.68 -4.69
NA HEC L . -37.79 -11.35 -5.20
C1A HEC L . -38.36 -12.44 -4.57
C2A HEC L . -39.82 -12.30 -4.62
C3A HEC L . -40.10 -11.14 -5.26
C4A HEC L . -38.83 -10.53 -5.63
CMA HEC L . -41.47 -10.53 -5.57
CAA HEC L . -40.82 -13.32 -4.02
CBA HEC L . -41.30 -14.30 -5.11
CGA HEC L . -42.27 -15.38 -4.65
O1A HEC L . -42.16 -16.53 -5.26
O2A HEC L . -43.08 -15.10 -3.78
NB HEC L . -36.19 -9.27 -6.38
C1B HEC L . -37.47 -8.76 -6.66
C2B HEC L . -37.32 -7.49 -7.38
C3B HEC L . -36.00 -7.26 -7.50
C4B HEC L . -35.31 -8.36 -6.88
CMB HEC L . -38.48 -6.61 -7.88
CAB HEC L . -35.28 -6.08 -8.15
CBB HEC L . -35.50 -4.74 -7.45
NC HEC L . -33.85 -10.67 -5.68
C1C HEC L . -33.27 -9.58 -6.28
C2C HEC L . -31.81 -9.71 -6.30
C3C HEC L . -31.54 -10.89 -5.73
C4C HEC L . -32.79 -11.48 -5.33
CMC HEC L . -30.83 -8.66 -6.91
CAC HEC L . -30.20 -11.56 -5.51
CBC HEC L . -29.29 -10.89 -4.49
ND HEC L . -35.37 -12.71 -4.54
C1D HEC L . -34.10 -13.27 -4.30
C2D HEC L . -34.23 -14.52 -3.61
C3D HEC L . -35.54 -14.75 -3.40
C4D HEC L . -36.26 -13.63 -3.99
CMD HEC L . -33.04 -15.42 -3.18
CAD HEC L . -36.12 -15.94 -2.68
CBD HEC L . -36.22 -15.61 -1.18
CGD HEC L . -36.75 -16.76 -0.39
O1D HEC L . -36.14 -17.11 0.66
O2D HEC L . -37.79 -17.29 -0.85
#